data_7SZG
#
_entry.id   7SZG
#
_cell.length_a   74.730
_cell.length_b   96.932
_cell.length_c   80.809
_cell.angle_alpha   90.000
_cell.angle_beta   106.967
_cell.angle_gamma   90.000
#
_symmetry.space_group_name_H-M   'P 1 21 1'
#
loop_
_entity.id
_entity.type
_entity.pdbx_description
1 polymer SxtDIOX
2 non-polymer 'FE2/S2 (INORGANIC) CLUSTER'
3 non-polymer GLYCEROL
4 non-polymer 'FE (III) ION'
5 non-polymer XENON
6 non-polymer 2,3-DIHYDROXY-1,4-DITHIOBUTANE
7 non-polymer 'CHLORIDE ION'
8 water water
#
_entity_poly.entity_id   1
_entity_poly.type   'polypeptide(L)'
_entity_poly.pdbx_seq_one_letter_code
;MTTADLILINNWYVVAKVEDCRPGSITTAHLLGVKLVLWRSHEQNSPIQVWQDYCPHRGVPLSMGEVANNTLVCPYHGWR
YNQAGKCVQIPAHPDMVPPASAQAKTYHCQERYGLVWVCLGNPVNDIPSFPEWDDPNYHKTYTKSYLIQASPFRVMDNSI
DVSHFPFIHEGILGDRNHAEVEDLEVKVDKDGLTMGKYQVHTSKFNNSTKDDSMVNWFRLSHPLCQYCSTEASEMRTVDL
MVVTPIDEDNSVLRYLIMWNGSKTLESKILADYDQVIEEDIRILHSQQPTRLPLLSPKQINTQGLPQEIHVPSDRCTVAY
RRWLKELGVTYGVC
;
_entity_poly.pdbx_strand_id   A,B,C
#
# COMPACT_ATOMS: atom_id res chain seq x y z
N THR A 3 24.82 -33.04 25.30
CA THR A 3 24.82 -32.36 23.98
C THR A 3 23.46 -31.69 23.75
N ALA A 4 23.44 -30.70 22.86
CA ALA A 4 22.21 -29.89 22.67
C ALA A 4 21.18 -30.58 21.79
N ASP A 5 19.93 -30.14 21.91
CA ASP A 5 18.83 -30.72 21.11
C ASP A 5 19.00 -30.29 19.66
N LEU A 6 18.64 -31.16 18.73
CA LEU A 6 18.79 -30.86 17.32
C LEU A 6 18.05 -29.58 16.93
N ILE A 7 16.95 -29.29 17.61
CA ILE A 7 16.15 -28.07 17.32
C ILE A 7 17.03 -26.84 17.55
N LEU A 8 17.93 -26.91 18.53
CA LEU A 8 18.87 -25.80 18.80
C LEU A 8 20.04 -25.92 17.83
N ILE A 9 20.52 -27.14 17.58
CA ILE A 9 21.69 -27.38 16.69
C ILE A 9 21.39 -26.80 15.30
N ASN A 10 20.15 -26.79 14.88
CA ASN A 10 19.87 -26.38 13.48
C ASN A 10 19.45 -24.90 13.40
N ASN A 11 19.65 -24.13 14.46
CA ASN A 11 19.32 -22.68 14.40
C ASN A 11 20.60 -21.84 14.31
N TRP A 12 20.44 -20.57 13.93
CA TRP A 12 21.59 -19.64 13.78
C TRP A 12 21.83 -18.87 15.07
N TYR A 13 23.09 -18.70 15.44
CA TYR A 13 23.44 -17.96 16.67
C TYR A 13 24.60 -16.99 16.40
N VAL A 14 24.55 -15.81 17.00
CA VAL A 14 25.65 -14.81 16.88
C VAL A 14 26.78 -15.26 17.80
N VAL A 15 28.00 -15.31 17.28
CA VAL A 15 29.17 -15.72 18.10
C VAL A 15 30.19 -14.58 18.16
N ALA A 16 30.06 -13.55 17.33
CA ALA A 16 31.07 -12.50 17.30
C ALA A 16 30.50 -11.30 16.55
N LYS A 17 31.29 -10.22 16.53
CA LYS A 17 30.92 -9.06 15.69
C LYS A 17 31.87 -9.15 14.48
N VAL A 18 31.37 -8.82 13.29
CA VAL A 18 32.20 -8.90 12.06
C VAL A 18 33.43 -8.01 12.23
N GLU A 19 33.27 -6.86 12.88
CA GLU A 19 34.40 -5.91 13.06
C GLU A 19 35.59 -6.57 13.76
N ASP A 20 35.35 -7.58 14.59
CA ASP A 20 36.45 -8.21 15.31
C ASP A 20 37.08 -9.40 14.61
N CYS A 21 36.49 -9.84 13.51
CA CYS A 21 37.12 -10.92 12.72
C CYS A 21 37.81 -10.22 11.56
N ARG A 22 39.08 -9.85 11.74
CA ARG A 22 39.80 -9.07 10.71
C ARG A 22 40.56 -9.99 9.76
N PRO A 23 40.93 -9.53 8.55
CA PRO A 23 41.72 -10.35 7.65
C PRO A 23 43.01 -10.87 8.30
N GLY A 24 43.18 -12.18 8.34
CA GLY A 24 44.40 -12.80 8.90
C GLY A 24 44.25 -13.14 10.36
N SER A 25 43.11 -12.82 10.95
CA SER A 25 42.97 -12.99 12.37
C SER A 25 42.49 -14.38 12.71
N ILE A 26 42.69 -14.73 14.00
CA ILE A 26 42.17 -16.00 14.55
C ILE A 26 41.45 -15.61 15.84
N THR A 27 40.16 -15.90 15.96
CA THR A 27 39.36 -15.60 17.17
C THR A 27 38.73 -16.87 17.72
N THR A 28 38.18 -16.82 18.94
CA THR A 28 37.58 -18.01 19.60
C THR A 28 36.15 -17.73 20.07
N ALA A 29 35.33 -18.77 20.11
CA ALA A 29 33.94 -18.63 20.61
C ALA A 29 33.48 -19.97 21.17
N HIS A 30 32.40 -19.94 21.95
CA HIS A 30 31.87 -21.18 22.57
C HIS A 30 30.36 -21.28 22.30
N LEU A 31 29.97 -22.24 21.47
CA LEU A 31 28.53 -22.42 21.14
C LEU A 31 28.05 -23.83 21.48
N LEU A 32 26.99 -23.96 22.25
CA LEU A 32 26.32 -25.26 22.56
C LEU A 32 27.32 -26.32 22.98
N GLY A 33 28.30 -25.92 23.79
CA GLY A 33 29.28 -26.87 24.34
C GLY A 33 30.49 -27.05 23.46
N VAL A 34 30.48 -26.48 22.27
CA VAL A 34 31.59 -26.69 21.31
C VAL A 34 32.55 -25.50 21.33
N LYS A 35 33.84 -25.78 21.47
CA LYS A 35 34.85 -24.72 21.38
C LYS A 35 35.04 -24.41 19.90
N LEU A 36 35.00 -23.15 19.51
CA LEU A 36 35.06 -22.78 18.08
C LEU A 36 36.24 -21.88 17.76
N VAL A 37 36.81 -22.08 16.56
CA VAL A 37 37.90 -21.19 16.05
C VAL A 37 37.33 -20.44 14.86
N LEU A 38 37.51 -19.13 14.82
CA LEU A 38 37.07 -18.31 13.68
C LEU A 38 38.33 -17.74 13.03
N TRP A 39 38.53 -17.96 11.74
CA TRP A 39 39.73 -17.37 11.09
C TRP A 39 39.45 -16.78 9.71
N ARG A 40 40.28 -15.81 9.32
CA ARG A 40 40.15 -15.18 7.99
C ARG A 40 41.51 -15.17 7.31
N SER A 41 41.54 -15.20 5.97
CA SER A 41 42.82 -15.11 5.22
C SER A 41 43.23 -13.64 5.16
N HIS A 42 44.50 -13.39 4.83
CA HIS A 42 45.00 -11.99 4.82
C HIS A 42 44.47 -11.23 3.60
N GLU A 43 43.68 -11.87 2.73
CA GLU A 43 43.06 -11.19 1.57
C GLU A 43 41.91 -10.30 2.04
N GLN A 44 41.68 -9.18 1.37
CA GLN A 44 40.48 -8.37 1.71
C GLN A 44 39.26 -9.08 1.11
N ASN A 45 38.08 -8.90 1.72
CA ASN A 45 36.84 -9.59 1.28
C ASN A 45 37.02 -11.11 1.48
N SER A 46 37.88 -11.52 2.40
CA SER A 46 38.07 -12.96 2.72
C SER A 46 36.87 -13.46 3.50
N PRO A 47 36.34 -14.67 3.23
CA PRO A 47 35.28 -15.20 4.08
C PRO A 47 35.79 -15.61 5.46
N ILE A 48 34.85 -15.75 6.39
CA ILE A 48 35.21 -16.22 7.76
C ILE A 48 34.96 -17.72 7.85
N GLN A 49 35.93 -18.47 8.34
CA GLN A 49 35.78 -19.93 8.54
C GLN A 49 35.55 -20.20 10.02
N VAL A 50 34.43 -20.80 10.37
CA VAL A 50 34.17 -21.17 11.79
C VAL A 50 34.24 -22.68 11.91
N TRP A 51 35.26 -23.15 12.60
CA TRP A 51 35.47 -24.61 12.77
C TRP A 51 35.48 -24.97 14.25
N GLN A 52 35.53 -26.26 14.54
CA GLN A 52 35.71 -26.70 15.94
C GLN A 52 37.17 -26.43 16.27
N ASP A 53 37.44 -25.94 17.48
CA ASP A 53 38.83 -25.63 17.89
C ASP A 53 39.53 -26.93 18.27
N TYR A 54 39.96 -27.68 17.26
CA TYR A 54 40.55 -29.02 17.50
C TYR A 54 41.32 -29.53 16.29
N CYS A 55 42.55 -30.01 16.49
CA CYS A 55 43.31 -30.65 15.39
C CYS A 55 43.17 -32.15 15.55
N PRO A 56 42.64 -32.87 14.54
CA PRO A 56 42.41 -34.31 14.68
C PRO A 56 43.65 -35.20 14.85
N HIS A 57 44.86 -34.65 14.67
CA HIS A 57 46.09 -35.44 14.88
C HIS A 57 46.28 -35.75 16.36
N ARG A 58 46.54 -34.73 17.17
CA ARG A 58 46.84 -35.01 18.56
C ARG A 58 46.04 -34.11 19.49
N GLY A 59 44.89 -33.63 19.07
CA GLY A 59 43.98 -32.91 19.98
C GLY A 59 44.43 -31.55 20.48
N VAL A 60 45.19 -30.84 19.67
CA VAL A 60 45.68 -29.48 20.04
C VAL A 60 44.69 -28.45 19.49
N PRO A 61 44.37 -27.36 20.22
CA PRO A 61 43.52 -26.31 19.68
C PRO A 61 44.10 -25.61 18.44
N LEU A 62 43.37 -25.58 17.33
CA LEU A 62 43.84 -24.92 16.08
C LEU A 62 43.94 -23.40 16.29
N SER A 63 43.34 -22.87 17.36
CA SER A 63 43.37 -21.42 17.68
C SER A 63 44.77 -20.97 18.11
N MET A 64 45.59 -21.91 18.58
CA MET A 64 46.96 -21.57 19.03
C MET A 64 47.90 -21.59 17.82
N GLY A 65 47.35 -21.66 16.61
CA GLY A 65 48.16 -21.72 15.39
C GLY A 65 48.28 -20.40 14.67
N GLU A 66 48.42 -20.44 13.35
CA GLU A 66 48.65 -19.21 12.55
C GLU A 66 47.97 -19.32 11.19
N VAL A 67 47.57 -18.19 10.61
CA VAL A 67 47.00 -18.19 9.24
C VAL A 67 48.16 -17.94 8.28
N ALA A 68 48.31 -18.80 7.27
CA ALA A 68 49.41 -18.67 6.28
C ALA A 68 48.97 -19.17 4.90
N ASN A 69 49.12 -18.36 3.85
CA ASN A 69 48.81 -18.78 2.46
C ASN A 69 47.40 -19.36 2.38
N ASN A 70 46.41 -18.64 2.92
CA ASN A 70 44.99 -19.08 2.90
C ASN A 70 44.85 -20.44 3.57
N THR A 71 45.71 -20.74 4.55
CA THR A 71 45.57 -22.00 5.32
C THR A 71 45.70 -21.73 6.82
N LEU A 72 45.05 -22.55 7.63
CA LEU A 72 45.24 -22.45 9.11
C LEU A 72 46.26 -23.53 9.48
N VAL A 73 47.37 -23.12 10.10
CA VAL A 73 48.47 -24.08 10.43
C VAL A 73 48.38 -24.48 11.89
N CYS A 74 48.35 -25.79 12.16
CA CYS A 74 48.35 -26.28 13.56
C CYS A 74 49.73 -26.06 14.18
N PRO A 75 49.81 -25.58 15.43
CA PRO A 75 51.10 -25.30 16.03
C PRO A 75 51.97 -26.51 16.41
N TYR A 76 51.39 -27.72 16.50
CA TYR A 76 52.15 -28.89 17.00
C TYR A 76 53.01 -29.54 15.92
N HIS A 77 52.41 -30.02 14.84
CA HIS A 77 53.20 -30.76 13.81
C HIS A 77 53.15 -30.01 12.47
N GLY A 78 52.53 -28.83 12.43
CA GLY A 78 52.57 -27.99 11.23
C GLY A 78 51.55 -28.29 10.16
N TRP A 79 50.57 -29.12 10.46
CA TRP A 79 49.61 -29.55 9.40
C TRP A 79 48.87 -28.32 8.87
N ARG A 80 48.65 -28.24 7.58
CA ARG A 80 47.97 -27.05 7.00
C ARG A 80 46.60 -27.42 6.48
N TYR A 81 45.60 -26.63 6.88
CA TYR A 81 44.19 -26.91 6.52
C TYR A 81 43.63 -25.79 5.65
N ASN A 82 43.05 -26.16 4.51
CA ASN A 82 42.52 -25.17 3.54
C ASN A 82 41.23 -24.53 4.08
N GLN A 83 40.65 -23.60 3.33
CA GLN A 83 39.42 -22.90 3.77
C GLN A 83 38.27 -23.90 3.92
N ALA A 84 38.28 -25.00 3.16
CA ALA A 84 37.25 -26.05 3.31
C ALA A 84 37.59 -26.95 4.50
N GLY A 85 38.75 -26.76 5.12
CA GLY A 85 39.09 -27.51 6.34
C GLY A 85 39.88 -28.78 6.11
N LYS A 86 40.30 -29.05 4.88
CA LYS A 86 41.02 -30.31 4.59
C LYS A 86 42.51 -30.08 4.76
N CYS A 87 43.19 -31.03 5.39
CA CYS A 87 44.66 -30.93 5.48
C CYS A 87 45.24 -31.08 4.08
N VAL A 88 46.03 -30.10 3.67
CA VAL A 88 46.61 -30.07 2.29
C VAL A 88 48.12 -30.34 2.36
N GLN A 89 48.73 -30.24 3.54
CA GLN A 89 50.17 -30.58 3.66
C GLN A 89 50.57 -31.05 5.06
N ILE A 90 51.13 -32.26 5.15
CA ILE A 90 51.69 -32.74 6.44
C ILE A 90 53.18 -32.49 6.28
N PRO A 91 53.78 -31.51 6.96
CA PRO A 91 55.19 -31.16 6.73
C PRO A 91 56.23 -32.27 6.95
N ALA A 92 55.92 -33.30 7.74
CA ALA A 92 56.85 -34.44 7.93
C ALA A 92 56.83 -35.34 6.70
N HIS A 93 55.68 -35.42 6.02
CA HIS A 93 55.55 -36.22 4.79
C HIS A 93 55.19 -35.26 3.67
N PRO A 94 56.16 -34.49 3.14
CA PRO A 94 55.84 -33.44 2.16
C PRO A 94 55.24 -33.89 0.81
N ASP A 95 55.49 -35.13 0.41
CA ASP A 95 54.94 -35.66 -0.84
C ASP A 95 53.70 -36.50 -0.64
N MET A 96 53.29 -36.71 0.60
CA MET A 96 52.13 -37.57 0.89
C MET A 96 50.85 -36.76 0.77
N VAL A 97 49.85 -37.29 0.06
CA VAL A 97 48.53 -36.62 0.02
C VAL A 97 47.93 -36.88 1.39
N PRO A 98 47.67 -35.84 2.20
CA PRO A 98 47.22 -36.05 3.56
C PRO A 98 45.97 -36.93 3.62
N PRO A 99 45.85 -37.83 4.61
CA PRO A 99 44.68 -38.69 4.75
C PRO A 99 43.35 -37.94 4.73
N ALA A 100 42.27 -38.62 4.34
CA ALA A 100 40.94 -37.97 4.31
C ALA A 100 40.49 -37.63 5.74
N SER A 101 40.89 -38.45 6.72
CA SER A 101 40.58 -38.18 8.13
C SER A 101 41.20 -36.85 8.55
N ALA A 102 42.27 -36.42 7.87
CA ALA A 102 42.86 -35.09 8.14
C ALA A 102 41.87 -34.07 7.61
N GLN A 103 40.91 -33.68 8.44
CA GLN A 103 39.87 -32.71 8.04
C GLN A 103 39.35 -32.09 9.33
N ALA A 104 39.18 -30.78 9.35
CA ALA A 104 38.61 -30.10 10.52
C ALA A 104 37.10 -30.15 10.47
N LYS A 105 36.45 -30.23 11.63
CA LYS A 105 34.97 -30.18 11.65
C LYS A 105 34.56 -28.75 11.35
N THR A 106 33.96 -28.52 10.19
CA THR A 106 33.57 -27.17 9.80
C THR A 106 32.09 -26.91 10.04
N TYR A 107 31.77 -25.64 10.23
CA TYR A 107 30.36 -25.27 10.48
C TYR A 107 29.96 -24.14 9.55
N HIS A 108 28.65 -23.89 9.44
CA HIS A 108 28.14 -22.83 8.55
C HIS A 108 28.35 -21.46 9.20
N CYS A 109 28.84 -20.49 8.43
CA CYS A 109 29.04 -19.11 8.95
C CYS A 109 28.41 -18.12 7.97
N GLN A 110 27.76 -17.09 8.51
CA GLN A 110 27.10 -16.08 7.66
C GLN A 110 27.14 -14.70 8.32
N GLU A 111 27.69 -13.72 7.61
CA GLU A 111 27.73 -12.34 8.14
C GLU A 111 26.39 -11.65 7.87
N ARG A 112 25.67 -11.27 8.91
CA ARG A 112 24.42 -10.48 8.75
C ARG A 112 24.34 -9.45 9.86
N TYR A 113 23.92 -8.24 9.54
CA TYR A 113 23.72 -7.17 10.55
C TYR A 113 25.02 -6.89 11.31
N GLY A 114 26.16 -7.01 10.64
CA GLY A 114 27.46 -6.75 11.28
C GLY A 114 27.81 -7.80 12.31
N LEU A 115 27.17 -8.95 12.25
CA LEU A 115 27.39 -10.00 13.26
C LEU A 115 27.76 -11.31 12.56
N VAL A 116 28.59 -12.12 13.21
CA VAL A 116 28.99 -13.43 12.64
C VAL A 116 28.01 -14.48 13.16
N TRP A 117 27.23 -15.06 12.25
CA TRP A 117 26.21 -16.06 12.64
C TRP A 117 26.73 -17.45 12.31
N VAL A 118 26.49 -18.42 13.21
CA VAL A 118 27.02 -19.79 13.03
C VAL A 118 25.93 -20.84 13.25
N CYS A 119 25.84 -21.83 12.35
CA CYS A 119 24.94 -22.98 12.57
C CYS A 119 25.82 -24.23 12.68
N LEU A 120 25.79 -24.88 13.84
CA LEU A 120 26.58 -26.11 14.04
C LEU A 120 25.86 -27.31 13.41
N GLY A 121 24.65 -27.14 12.90
CA GLY A 121 23.95 -28.26 12.33
C GLY A 121 23.64 -28.04 10.87
N ASN A 122 22.37 -28.17 10.55
CA ASN A 122 21.95 -28.00 9.15
C ASN A 122 20.97 -26.83 9.13
N PRO A 123 21.36 -25.68 8.54
CA PRO A 123 20.51 -24.50 8.57
C PRO A 123 19.15 -24.91 7.97
N VAL A 124 18.13 -24.94 8.81
CA VAL A 124 16.77 -25.31 8.34
C VAL A 124 16.00 -23.99 8.36
N ASN A 125 16.37 -23.10 9.28
CA ASN A 125 15.71 -21.78 9.38
C ASN A 125 16.65 -20.70 8.86
N ASP A 126 16.10 -19.54 8.53
CA ASP A 126 16.93 -18.40 8.06
C ASP A 126 17.30 -17.54 9.26
N ILE A 127 18.31 -16.69 9.11
CA ILE A 127 18.72 -15.76 10.19
C ILE A 127 17.54 -14.84 10.49
N PRO A 128 17.21 -14.56 11.76
CA PRO A 128 16.12 -13.65 12.10
C PRO A 128 16.11 -12.36 11.27
N SER A 129 14.91 -11.89 10.90
CA SER A 129 14.78 -10.67 10.08
C SER A 129 14.92 -9.41 10.95
N PHE A 130 15.51 -8.35 10.41
CA PHE A 130 15.63 -7.06 11.12
C PHE A 130 15.29 -6.00 10.09
N PRO A 131 14.01 -5.64 9.93
CA PRO A 131 13.60 -4.73 8.84
C PRO A 131 14.33 -3.37 8.76
N GLU A 132 14.63 -2.75 9.89
CA GLU A 132 15.25 -1.40 9.89
C GLU A 132 16.71 -1.47 9.46
N TRP A 133 17.29 -2.66 9.39
CA TRP A 133 18.66 -2.74 8.89
C TRP A 133 18.77 -2.09 7.51
N ASP A 134 17.73 -2.21 6.69
CA ASP A 134 17.75 -1.63 5.32
C ASP A 134 17.11 -0.24 5.29
N ASP A 135 16.69 0.30 6.43
CA ASP A 135 16.16 1.68 6.47
C ASP A 135 17.31 2.65 6.75
N PRO A 136 17.64 3.55 5.80
CA PRO A 136 18.68 4.54 6.02
C PRO A 136 18.22 5.70 6.91
N ASN A 137 16.97 5.69 7.35
CA ASN A 137 16.45 6.74 8.24
C ASN A 137 16.85 6.38 9.67
N TYR A 138 17.33 5.15 9.88
CA TYR A 138 17.68 4.67 11.23
C TYR A 138 19.20 4.60 11.40
N HIS A 139 19.67 4.97 12.58
CA HIS A 139 21.13 4.92 12.89
C HIS A 139 21.42 3.60 13.59
N LYS A 140 22.69 3.20 13.64
CA LYS A 140 22.98 1.86 14.20
C LYS A 140 24.07 1.91 15.26
N THR A 141 23.87 1.18 16.35
CA THR A 141 24.88 1.08 17.43
C THR A 141 24.81 -0.36 17.97
N TYR A 142 25.94 -0.85 18.46
CA TYR A 142 25.96 -2.20 19.04
C TYR A 142 26.37 -2.09 20.50
N THR A 143 25.66 -2.81 21.37
CA THR A 143 26.09 -2.87 22.79
C THR A 143 27.31 -3.77 22.86
N LYS A 144 27.97 -3.75 24.00
CA LYS A 144 29.13 -4.66 24.20
C LYS A 144 28.63 -6.06 24.52
N SER A 145 29.55 -7.01 24.58
CA SER A 145 29.17 -8.39 24.97
C SER A 145 28.96 -8.44 26.48
N TYR A 146 28.06 -9.30 26.95
CA TYR A 146 27.81 -9.47 28.39
C TYR A 146 27.85 -10.97 28.72
N LEU A 147 28.83 -11.40 29.50
CA LEU A 147 28.93 -12.82 29.93
C LEU A 147 28.05 -13.03 31.15
N ILE A 148 27.03 -13.89 31.00
CA ILE A 148 26.06 -14.11 32.11
C ILE A 148 26.17 -15.54 32.61
N GLN A 149 26.41 -15.71 33.91
CA GLN A 149 26.45 -17.06 34.53
C GLN A 149 25.01 -17.47 34.80
N ALA A 150 24.23 -17.60 33.73
CA ALA A 150 22.86 -18.03 33.80
C ALA A 150 22.54 -18.78 32.52
N SER A 151 21.50 -19.61 32.57
CA SER A 151 21.05 -20.36 31.38
C SER A 151 20.67 -19.39 30.27
N PRO A 152 21.01 -19.66 29.00
CA PRO A 152 20.57 -18.83 27.90
C PRO A 152 19.05 -18.63 27.91
N PHE A 153 18.31 -19.64 28.36
CA PHE A 153 16.83 -19.59 28.37
C PHE A 153 16.35 -18.75 29.56
N ARG A 154 17.07 -18.73 30.68
CA ARG A 154 16.72 -17.78 31.73
C ARG A 154 16.98 -16.35 31.30
N VAL A 155 18.07 -16.10 30.57
CA VAL A 155 18.32 -14.76 30.04
C VAL A 155 17.17 -14.31 29.17
N MET A 156 16.63 -15.19 28.33
CA MET A 156 15.56 -14.73 27.42
C MET A 156 14.25 -14.55 28.19
N ASP A 157 13.97 -15.40 29.17
CA ASP A 157 12.74 -15.30 29.99
C ASP A 157 12.73 -13.93 30.68
N ASN A 158 13.88 -13.49 31.17
CA ASN A 158 13.99 -12.17 31.83
C ASN A 158 13.68 -11.08 30.81
N SER A 159 14.17 -11.26 29.59
CA SER A 159 13.97 -10.19 28.62
C SER A 159 12.53 -10.12 28.10
N ILE A 160 11.78 -11.19 28.27
CA ILE A 160 10.36 -11.25 27.84
C ILE A 160 9.51 -10.71 28.98
N ASP A 161 9.98 -10.82 30.23
CA ASP A 161 9.27 -10.29 31.41
C ASP A 161 9.13 -8.77 31.29
N VAL A 162 7.96 -8.22 31.60
CA VAL A 162 7.71 -6.74 31.50
C VAL A 162 7.23 -6.21 32.85
N SER A 163 6.98 -7.08 33.82
CA SER A 163 6.42 -6.66 35.13
C SER A 163 7.52 -6.24 36.09
N HIS A 164 8.78 -6.53 35.77
CA HIS A 164 9.90 -6.21 36.67
C HIS A 164 10.33 -4.77 36.49
N PHE A 165 9.93 -4.15 35.38
CA PHE A 165 10.33 -2.76 35.04
C PHE A 165 10.20 -1.81 36.24
N PRO A 166 9.05 -1.67 36.95
CA PRO A 166 8.97 -0.72 38.05
C PRO A 166 9.84 -0.95 39.30
N PHE A 167 10.50 -2.10 39.43
CA PHE A 167 11.22 -2.41 40.68
C PHE A 167 12.75 -2.49 40.47
N ILE A 168 13.19 -3.01 39.33
CA ILE A 168 14.65 -3.16 39.07
C ILE A 168 15.11 -2.18 37.98
N HIS A 169 14.18 -1.54 37.28
CA HIS A 169 14.46 -0.54 36.25
C HIS A 169 13.73 0.77 36.53
N GLU A 170 13.61 1.16 37.81
CA GLU A 170 12.76 2.35 37.97
C GLU A 170 13.40 3.61 37.41
N GLY A 171 14.69 3.62 37.18
CA GLY A 171 15.23 4.79 36.49
C GLY A 171 14.66 4.95 35.08
N ILE A 172 14.83 3.95 34.21
CA ILE A 172 14.47 4.14 32.76
C ILE A 172 13.12 3.53 32.36
N LEU A 173 12.85 2.28 32.70
CA LEU A 173 11.64 1.61 32.15
C LEU A 173 10.46 1.46 33.12
N GLY A 174 10.44 2.15 34.27
CA GLY A 174 9.25 1.98 35.13
C GLY A 174 9.13 2.98 36.26
N ASP A 175 7.91 3.16 36.79
CA ASP A 175 7.74 4.03 37.98
C ASP A 175 7.03 3.24 39.07
N ARG A 176 7.33 3.46 40.34
CA ARG A 176 6.75 2.63 41.42
C ARG A 176 5.25 2.95 41.63
N ASN A 177 4.77 4.08 41.12
CA ASN A 177 3.34 4.45 41.23
C ASN A 177 2.54 3.89 40.05
N HIS A 178 3.23 3.30 39.07
CA HIS A 178 2.58 2.68 37.89
C HIS A 178 3.08 1.25 37.73
N ALA A 179 2.92 0.41 38.75
CA ALA A 179 3.40 -0.96 38.70
C ALA A 179 2.36 -1.95 38.22
N GLU A 180 1.11 -1.51 38.06
CA GLU A 180 0.02 -2.39 37.58
C GLU A 180 0.30 -2.78 36.13
N VAL A 181 0.05 -4.05 35.82
CA VAL A 181 0.28 -4.54 34.43
C VAL A 181 -1.08 -4.73 33.76
N GLU A 182 -1.26 -4.12 32.59
CA GLU A 182 -2.52 -4.23 31.83
C GLU A 182 -2.66 -5.63 31.22
N ASP A 183 -3.86 -5.97 30.75
CA ASP A 183 -4.06 -7.28 30.09
C ASP A 183 -3.16 -7.32 28.86
N LEU A 184 -2.16 -8.19 28.89
CA LEU A 184 -1.17 -8.26 27.78
C LEU A 184 -1.68 -9.19 26.68
N GLU A 185 -1.15 -9.02 25.47
CA GLU A 185 -1.56 -9.88 24.34
C GLU A 185 -0.36 -10.71 23.87
N VAL A 186 -0.54 -12.03 23.79
CA VAL A 186 0.58 -12.92 23.42
C VAL A 186 0.10 -13.87 22.32
N LYS A 187 0.92 -14.11 21.30
CA LYS A 187 0.56 -14.99 20.17
C LYS A 187 1.72 -15.91 19.82
N VAL A 188 1.52 -17.22 19.88
CA VAL A 188 2.59 -18.19 19.44
C VAL A 188 2.15 -18.82 18.12
N ASP A 189 2.74 -18.38 17.02
CA ASP A 189 2.39 -18.89 15.67
C ASP A 189 3.65 -19.42 14.99
N LYS A 190 3.61 -19.60 13.67
CA LYS A 190 4.79 -20.08 12.89
C LYS A 190 5.92 -19.05 13.03
N ASP A 191 5.58 -17.75 12.94
CA ASP A 191 6.58 -16.66 13.11
C ASP A 191 7.37 -16.91 14.41
N GLY A 192 6.65 -17.10 15.52
CA GLY A 192 7.30 -17.39 16.80
C GLY A 192 6.42 -16.87 17.92
N LEU A 193 7.00 -16.20 18.92
CA LEU A 193 6.26 -15.61 20.06
C LEU A 193 6.17 -14.10 19.85
N THR A 194 4.96 -13.54 19.87
CA THR A 194 4.78 -12.11 19.67
C THR A 194 3.97 -11.55 20.82
N MET A 195 4.42 -10.43 21.38
CA MET A 195 3.68 -9.71 22.39
C MET A 195 3.11 -8.47 21.74
N GLY A 196 1.83 -8.19 22.01
CA GLY A 196 1.20 -7.01 21.46
C GLY A 196 1.64 -5.73 22.16
N LYS A 197 1.31 -4.60 21.53
CA LYS A 197 1.86 -3.39 22.11
C LYS A 197 1.27 -3.13 23.49
N TYR A 198 2.14 -2.62 24.37
CA TYR A 198 1.73 -2.28 25.75
C TYR A 198 2.35 -0.93 26.15
N GLN A 199 1.87 -0.36 27.25
CA GLN A 199 2.38 0.96 27.71
C GLN A 199 3.52 0.78 28.72
N VAL A 200 4.55 1.60 28.56
CA VAL A 200 5.70 1.57 29.50
C VAL A 200 5.84 2.99 30.08
N HIS A 201 5.84 3.10 31.40
CA HIS A 201 5.92 4.43 32.06
C HIS A 201 7.37 4.74 32.44
N THR A 202 7.90 5.88 32.01
CA THR A 202 9.31 6.23 32.30
C THR A 202 9.49 6.54 33.79
N SER A 213 4.12 7.08 28.52
CA SER A 213 4.71 7.89 27.42
C SER A 213 5.16 6.99 26.27
N MET A 214 5.69 5.81 26.56
CA MET A 214 6.25 4.95 25.50
C MET A 214 5.35 3.74 25.23
N VAL A 215 5.28 3.34 23.97
CA VAL A 215 4.53 2.10 23.60
C VAL A 215 5.58 1.12 23.08
N ASN A 216 5.49 -0.13 23.53
CA ASN A 216 6.51 -1.15 23.19
C ASN A 216 5.88 -2.48 22.76
N TRP A 217 6.51 -3.16 21.80
CA TRP A 217 6.08 -4.52 21.40
C TRP A 217 7.33 -5.31 21.02
N PHE A 218 7.26 -6.64 21.09
CA PHE A 218 8.43 -7.47 20.73
C PHE A 218 8.01 -8.79 20.07
N ARG A 219 8.91 -9.35 19.26
CA ARG A 219 8.64 -10.64 18.58
C ARG A 219 9.87 -11.54 18.67
N LEU A 220 9.67 -12.81 19.00
CA LEU A 220 10.77 -13.79 19.06
C LEU A 220 10.54 -14.84 17.98
N SER A 221 11.22 -14.74 16.85
CA SER A 221 11.11 -15.75 15.77
C SER A 221 11.88 -17.00 16.18
N HIS A 222 12.97 -16.81 16.91
CA HIS A 222 13.79 -17.94 17.41
C HIS A 222 13.87 -17.85 18.93
N PRO A 223 14.00 -18.97 19.65
CA PRO A 223 14.06 -18.96 21.10
C PRO A 223 15.09 -18.02 21.75
N LEU A 224 16.22 -17.77 21.09
CA LEU A 224 17.29 -16.95 21.72
C LEU A 224 17.58 -15.69 20.89
N CYS A 225 16.56 -15.17 20.19
CA CYS A 225 16.69 -13.91 19.42
C CYS A 225 15.41 -13.09 19.58
N GLN A 226 15.51 -11.81 19.93
CA GLN A 226 14.31 -10.96 20.21
C GLN A 226 14.37 -9.63 19.45
N TYR A 227 13.31 -9.32 18.71
CA TYR A 227 13.19 -8.02 18.01
C TYR A 227 12.27 -7.12 18.84
N CYS A 228 12.73 -5.93 19.19
CA CYS A 228 11.94 -5.07 20.07
C CYS A 228 11.76 -3.71 19.42
N SER A 229 10.56 -3.16 19.58
CA SER A 229 10.12 -1.93 18.92
C SER A 229 9.58 -0.97 19.97
N THR A 230 10.09 0.26 20.05
CA THR A 230 9.50 1.21 21.00
C THR A 230 9.30 2.57 20.34
N GLU A 231 8.10 3.09 20.54
CA GLU A 231 7.71 4.37 19.97
C GLU A 231 7.55 5.38 21.11
N ALA A 232 8.29 6.48 21.04
CA ALA A 232 8.16 7.53 22.01
C ALA A 232 7.44 8.72 21.35
N SER A 233 7.59 9.88 21.98
CA SER A 233 7.02 11.11 21.43
C SER A 233 7.60 11.39 20.05
N GLU A 234 8.93 11.52 19.99
CA GLU A 234 9.57 11.92 18.71
C GLU A 234 10.53 10.89 18.13
N MET A 235 10.54 9.64 18.61
CA MET A 235 11.58 8.71 18.11
C MET A 235 11.13 7.25 18.14
N ARG A 236 11.44 6.49 17.10
CA ARG A 236 11.16 5.04 17.13
C ARG A 236 12.49 4.33 17.37
N THR A 237 12.57 3.57 18.44
CA THR A 237 13.75 2.78 18.79
C THR A 237 13.52 1.29 18.58
N VAL A 238 14.42 0.65 17.85
CA VAL A 238 14.31 -0.81 17.63
C VAL A 238 15.59 -1.49 18.11
N ASP A 239 15.49 -2.75 18.52
CA ASP A 239 16.72 -3.50 18.90
C ASP A 239 16.64 -4.96 18.51
N LEU A 240 17.80 -5.56 18.27
CA LEU A 240 17.85 -7.01 18.02
C LEU A 240 18.72 -7.61 19.13
N MET A 241 18.08 -8.34 20.03
CA MET A 241 18.76 -8.98 21.14
C MET A 241 19.11 -10.41 20.78
N VAL A 242 20.39 -10.76 20.85
CA VAL A 242 20.90 -12.06 20.44
C VAL A 242 21.54 -12.68 21.67
N VAL A 243 21.23 -13.94 21.96
CA VAL A 243 21.76 -14.66 23.12
C VAL A 243 22.57 -15.82 22.58
N THR A 244 23.87 -15.82 22.84
CA THR A 244 24.70 -16.95 22.45
C THR A 244 24.68 -18.01 23.54
N PRO A 245 24.15 -19.19 23.26
CA PRO A 245 24.15 -20.25 24.28
C PRO A 245 25.47 -20.98 24.40
N ILE A 246 26.34 -20.52 25.30
CA ILE A 246 27.63 -21.18 25.50
C ILE A 246 27.45 -22.65 25.87
N ASP A 247 26.69 -22.92 26.92
CA ASP A 247 26.32 -24.27 27.33
C ASP A 247 25.00 -24.16 28.08
N GLU A 248 24.66 -25.15 28.92
CA GLU A 248 23.37 -25.10 29.60
C GLU A 248 23.32 -24.00 30.65
N ASP A 249 24.44 -23.60 31.21
CA ASP A 249 24.41 -22.68 32.37
C ASP A 249 25.11 -21.35 32.11
N ASN A 250 25.50 -21.07 30.87
CA ASN A 250 26.29 -19.84 30.57
C ASN A 250 25.80 -19.22 29.26
N SER A 251 25.82 -17.90 29.18
CA SER A 251 25.28 -17.21 27.97
C SER A 251 26.01 -15.88 27.69
N VAL A 252 26.00 -15.45 26.43
CA VAL A 252 26.56 -14.13 26.05
C VAL A 252 25.41 -13.27 25.53
N LEU A 253 25.30 -12.03 26.00
CA LEU A 253 24.21 -11.10 25.56
C LEU A 253 24.79 -10.02 24.67
N ARG A 254 24.13 -9.75 23.54
CA ARG A 254 24.54 -8.67 22.61
C ARG A 254 23.28 -8.02 22.05
N TYR A 255 23.34 -6.74 21.71
CA TYR A 255 22.19 -6.02 21.11
C TYR A 255 22.60 -5.12 19.96
N LEU A 256 21.76 -5.04 18.94
CA LEU A 256 21.96 -4.08 17.83
C LEU A 256 20.80 -3.11 17.96
N ILE A 257 21.09 -1.90 18.40
CA ILE A 257 20.02 -0.88 18.62
C ILE A 257 19.96 0.04 17.41
N MET A 258 18.76 0.34 16.93
CA MET A 258 18.59 1.27 15.78
C MET A 258 17.51 2.31 16.13
N TRP A 259 17.73 3.56 15.78
CA TRP A 259 16.77 4.62 16.14
C TRP A 259 16.77 5.70 15.06
N ASN A 260 15.63 6.39 14.92
CA ASN A 260 15.48 7.37 13.85
C ASN A 260 15.50 8.81 14.36
N GLY A 261 15.95 9.01 15.58
CA GLY A 261 16.16 10.35 16.11
C GLY A 261 17.59 10.75 15.86
N SER A 262 18.08 11.72 16.62
CA SER A 262 19.46 12.25 16.43
C SER A 262 20.54 11.21 16.71
N LYS A 263 21.56 11.16 15.84
CA LYS A 263 22.72 10.25 16.03
C LYS A 263 23.50 10.66 17.29
N THR A 264 23.30 11.89 17.77
CA THR A 264 24.01 12.39 18.98
C THR A 264 23.50 11.70 20.24
N LEU A 265 22.36 11.01 20.15
CA LEU A 265 21.79 10.28 21.31
C LEU A 265 22.47 8.91 21.48
N GLU A 266 23.40 8.50 20.62
CA GLU A 266 24.01 7.14 20.70
C GLU A 266 24.52 6.85 22.10
N SER A 267 25.26 7.78 22.70
CA SER A 267 25.91 7.55 24.01
C SER A 267 24.88 7.32 25.11
N LYS A 268 23.82 8.13 25.16
CA LYS A 268 22.78 7.98 26.20
C LYS A 268 22.08 6.65 26.02
N ILE A 269 21.81 6.25 24.78
CA ILE A 269 21.12 4.96 24.49
C ILE A 269 22.01 3.84 25.03
N LEU A 270 23.31 3.86 24.71
CA LEU A 270 24.16 2.77 25.20
C LEU A 270 24.24 2.78 26.72
N ALA A 271 24.26 3.98 27.31
CA ALA A 271 24.32 4.09 28.75
C ALA A 271 23.03 3.56 29.38
N ASP A 272 21.88 3.89 28.79
CA ASP A 272 20.62 3.39 29.30
C ASP A 272 20.53 1.87 29.18
N TYR A 273 20.98 1.32 28.06
CA TYR A 273 20.89 -0.15 27.86
C TYR A 273 21.80 -0.84 28.88
N ASP A 274 23.03 -0.34 29.07
CA ASP A 274 23.98 -0.93 30.06
C ASP A 274 23.34 -0.99 31.45
N GLN A 275 22.77 0.11 31.92
CA GLN A 275 22.14 0.13 33.26
C GLN A 275 21.11 -0.99 33.33
N VAL A 276 20.19 -1.03 32.37
CA VAL A 276 19.10 -2.04 32.41
C VAL A 276 19.71 -3.45 32.39
N ILE A 277 20.70 -3.70 31.52
CA ILE A 277 21.27 -5.07 31.38
C ILE A 277 21.93 -5.50 32.68
N GLU A 278 22.75 -4.64 33.31
CA GLU A 278 23.47 -5.01 34.55
C GLU A 278 22.48 -5.13 35.71
N GLU A 279 21.36 -4.43 35.64
CA GLU A 279 20.30 -4.59 36.65
C GLU A 279 19.59 -5.92 36.40
N ASP A 280 19.42 -6.31 35.14
CA ASP A 280 18.88 -7.64 34.92
C ASP A 280 19.88 -8.73 35.27
N ILE A 281 21.17 -8.52 35.01
CA ILE A 281 22.19 -9.57 35.26
C ILE A 281 22.24 -9.90 36.75
N ARG A 282 21.96 -8.92 37.61
CA ARG A 282 22.00 -9.12 39.07
C ARG A 282 20.94 -10.14 39.48
N ILE A 283 19.74 -10.01 38.96
CA ILE A 283 18.64 -10.97 39.26
C ILE A 283 18.99 -12.29 38.59
N LEU A 284 19.52 -12.25 37.37
CA LEU A 284 19.84 -13.47 36.61
C LEU A 284 20.91 -14.29 37.33
N HIS A 285 21.88 -13.63 37.94
CA HIS A 285 22.93 -14.38 38.61
C HIS A 285 22.44 -15.03 39.90
N SER A 286 21.35 -14.52 40.46
CA SER A 286 20.83 -14.99 41.73
C SER A 286 19.77 -16.09 41.57
N GLN A 287 19.22 -16.24 40.38
CA GLN A 287 18.06 -17.14 40.18
C GLN A 287 18.39 -18.62 40.35
N GLN A 288 17.53 -19.30 41.10
CA GLN A 288 17.71 -20.75 41.35
C GLN A 288 16.38 -21.44 41.05
N PRO A 289 16.32 -22.53 40.27
CA PRO A 289 17.51 -23.13 39.63
C PRO A 289 18.14 -22.32 38.49
N THR A 290 19.41 -22.60 38.16
CA THR A 290 20.13 -21.85 37.10
C THR A 290 19.44 -22.07 35.76
N ARG A 291 18.96 -23.29 35.52
CA ARG A 291 18.24 -23.63 34.26
C ARG A 291 16.77 -23.23 34.36
N LEU A 292 16.18 -22.83 33.23
CA LEU A 292 14.78 -22.37 33.20
C LEU A 292 13.82 -23.50 33.52
N PRO A 293 12.98 -23.36 34.55
CA PRO A 293 11.98 -24.37 34.84
C PRO A 293 10.83 -24.24 33.83
N LEU A 294 10.49 -25.35 33.17
CA LEU A 294 9.41 -25.32 32.15
C LEU A 294 8.09 -25.70 32.81
N LEU A 295 6.97 -25.36 32.15
CA LEU A 295 5.63 -25.71 32.70
C LEU A 295 5.51 -27.23 32.79
N SER A 296 5.23 -27.74 33.98
CA SER A 296 5.08 -29.20 34.19
C SER A 296 3.98 -29.45 35.23
N GLY A 304 13.32 -29.75 46.97
CA GLY A 304 14.27 -28.76 47.50
C GLY A 304 13.74 -27.36 47.34
N LEU A 305 13.59 -26.91 46.10
CA LEU A 305 13.03 -25.56 45.83
C LEU A 305 11.59 -25.72 45.34
N PRO A 306 10.61 -24.85 45.73
CA PRO A 306 9.22 -25.03 45.30
C PRO A 306 9.00 -24.72 43.81
N GLN A 307 7.89 -25.22 43.25
CA GLN A 307 7.59 -25.00 41.81
C GLN A 307 7.31 -23.52 41.53
N GLU A 308 7.49 -23.09 40.29
CA GLU A 308 7.24 -21.67 39.91
C GLU A 308 5.74 -21.36 39.95
N ILE A 309 5.40 -20.15 40.39
CA ILE A 309 3.99 -19.70 40.43
C ILE A 309 3.82 -18.68 39.30
N HIS A 310 2.65 -18.66 38.67
CA HIS A 310 2.41 -17.76 37.52
C HIS A 310 1.19 -16.88 37.79
N VAL A 311 1.31 -15.57 37.57
CA VAL A 311 0.18 -14.61 37.77
C VAL A 311 -0.22 -14.11 36.37
N PRO A 312 -1.39 -13.48 36.17
CA PRO A 312 -1.81 -13.07 34.82
C PRO A 312 -0.75 -12.27 34.05
N SER A 313 0.06 -11.47 34.75
CA SER A 313 1.10 -10.61 34.12
C SER A 313 2.25 -11.44 33.58
N ASP A 314 2.21 -12.75 33.78
CA ASP A 314 3.31 -13.64 33.37
C ASP A 314 2.91 -14.41 32.12
N ARG A 315 1.88 -13.97 31.40
CA ARG A 315 1.36 -14.76 30.25
C ARG A 315 2.35 -14.88 29.09
N CYS A 316 3.22 -13.89 28.87
CA CYS A 316 4.23 -14.05 27.81
C CYS A 316 5.35 -14.96 28.29
N THR A 317 5.75 -14.86 29.56
CA THR A 317 6.79 -15.82 29.96
C THR A 317 6.22 -17.22 30.12
N VAL A 318 4.95 -17.36 30.45
CA VAL A 318 4.35 -18.72 30.51
C VAL A 318 4.34 -19.30 29.10
N ALA A 319 4.08 -18.46 28.10
CA ALA A 319 4.01 -18.91 26.70
C ALA A 319 5.39 -19.30 26.17
N TYR A 320 6.45 -18.63 26.61
CA TYR A 320 7.83 -18.97 26.21
C TYR A 320 8.16 -20.37 26.70
N ARG A 321 7.82 -20.68 27.95
CA ARG A 321 8.11 -22.00 28.52
C ARG A 321 7.30 -23.06 27.75
N ARG A 322 6.05 -22.76 27.45
CA ARG A 322 5.18 -23.66 26.67
C ARG A 322 5.81 -23.84 25.31
N TRP A 323 6.28 -22.78 24.68
CA TRP A 323 6.89 -22.87 23.32
C TRP A 323 8.13 -23.78 23.36
N LEU A 324 8.97 -23.63 24.38
CA LEU A 324 10.23 -24.43 24.47
C LEU A 324 9.89 -25.89 24.65
N LYS A 325 8.89 -26.19 25.48
CA LYS A 325 8.45 -27.59 25.68
C LYS A 325 7.94 -28.14 24.35
N GLU A 326 7.14 -27.36 23.63
CA GLU A 326 6.57 -27.82 22.35
C GLU A 326 7.73 -28.06 21.38
N LEU A 327 8.72 -27.18 21.40
CA LEU A 327 9.85 -27.30 20.46
C LEU A 327 10.75 -28.47 20.83
N GLY A 328 10.65 -28.99 22.06
CA GLY A 328 11.47 -30.14 22.49
C GLY A 328 12.83 -29.74 23.04
N VAL A 329 12.92 -28.57 23.68
CA VAL A 329 14.19 -28.11 24.32
C VAL A 329 14.37 -28.84 25.66
N THR A 330 15.50 -29.51 25.83
CA THR A 330 15.84 -30.23 27.08
C THR A 330 17.15 -29.65 27.60
N TYR A 331 17.87 -28.93 26.75
CA TYR A 331 19.17 -28.32 27.10
C TYR A 331 18.94 -26.90 27.61
N GLY A 332 19.46 -26.59 28.80
CA GLY A 332 19.35 -25.24 29.36
C GLY A 332 18.07 -25.06 30.12
N VAL A 333 17.29 -26.12 30.23
CA VAL A 333 15.97 -26.02 30.88
C VAL A 333 15.87 -27.07 31.99
N CYS A 334 14.98 -26.86 32.96
CA CYS A 334 14.78 -27.78 34.10
C CYS A 334 13.38 -28.42 34.01
N THR B 2 -30.25 -15.69 -0.62
CA THR B 2 -31.37 -16.42 0.03
C THR B 2 -32.26 -16.99 -1.07
N THR B 3 -32.75 -16.15 -1.97
CA THR B 3 -33.52 -16.67 -3.15
C THR B 3 -32.52 -17.02 -4.24
N ALA B 4 -31.23 -17.00 -3.92
CA ALA B 4 -30.18 -17.26 -4.92
C ALA B 4 -30.01 -18.74 -5.19
N ASP B 5 -29.54 -19.07 -6.37
CA ASP B 5 -29.27 -20.48 -6.73
C ASP B 5 -28.08 -20.97 -5.93
N LEU B 6 -28.05 -22.27 -5.62
CA LEU B 6 -26.95 -22.83 -4.80
C LEU B 6 -25.66 -22.83 -5.61
N ILE B 7 -25.75 -22.90 -6.94
CA ILE B 7 -24.51 -22.79 -7.77
C ILE B 7 -23.83 -21.47 -7.43
N LEU B 8 -24.61 -20.44 -7.12
CA LEU B 8 -24.06 -19.12 -6.75
C LEU B 8 -23.68 -19.14 -5.28
N ILE B 9 -24.52 -19.71 -4.41
CA ILE B 9 -24.23 -19.62 -2.99
C ILE B 9 -22.94 -20.37 -2.65
N ASN B 10 -22.68 -21.44 -3.39
CA ASN B 10 -21.50 -22.30 -3.11
C ASN B 10 -20.30 -21.85 -3.94
N ASN B 11 -20.25 -20.56 -4.30
CA ASN B 11 -19.07 -20.03 -5.02
C ASN B 11 -18.40 -18.95 -4.18
N TRP B 12 -17.16 -18.61 -4.51
CA TRP B 12 -16.40 -17.58 -3.76
C TRP B 12 -16.57 -16.20 -4.40
N TYR B 13 -16.80 -15.17 -3.59
CA TYR B 13 -16.90 -13.81 -4.12
C TYR B 13 -16.05 -12.86 -3.29
N VAL B 14 -15.57 -11.81 -3.95
CA VAL B 14 -14.84 -10.75 -3.22
C VAL B 14 -15.87 -9.77 -2.68
N VAL B 15 -15.77 -9.44 -1.40
CA VAL B 15 -16.74 -8.52 -0.77
C VAL B 15 -15.98 -7.27 -0.31
N ALA B 16 -14.66 -7.35 -0.27
CA ALA B 16 -13.82 -6.20 0.13
C ALA B 16 -12.36 -6.42 -0.25
N LYS B 17 -11.54 -5.38 -0.12
CA LYS B 17 -10.08 -5.52 -0.34
C LYS B 17 -9.48 -5.63 1.06
N VAL B 18 -8.38 -6.37 1.22
CA VAL B 18 -7.83 -6.56 2.59
C VAL B 18 -7.34 -5.21 3.13
N GLU B 19 -7.00 -4.28 2.23
CA GLU B 19 -6.53 -2.94 2.63
C GLU B 19 -7.68 -2.14 3.25
N ASP B 20 -8.92 -2.57 3.04
CA ASP B 20 -10.03 -1.86 3.67
C ASP B 20 -10.41 -2.39 5.06
N CYS B 21 -9.81 -3.50 5.51
CA CYS B 21 -10.19 -4.04 6.83
C CYS B 21 -8.94 -4.10 7.69
N ARG B 22 -8.60 -2.93 8.24
CA ARG B 22 -7.39 -2.82 9.07
C ARG B 22 -7.65 -3.48 10.42
N PRO B 23 -6.60 -3.81 11.18
CA PRO B 23 -6.78 -4.38 12.51
C PRO B 23 -7.80 -3.64 13.40
N GLY B 24 -8.72 -4.39 14.00
CA GLY B 24 -9.71 -3.81 14.93
C GLY B 24 -10.86 -3.09 14.25
N SER B 25 -11.06 -3.32 12.96
CA SER B 25 -12.09 -2.56 12.21
C SER B 25 -13.40 -3.32 12.10
N ILE B 26 -14.48 -2.60 11.89
CA ILE B 26 -15.80 -3.23 11.62
C ILE B 26 -16.26 -2.66 10.28
N THR B 27 -16.27 -3.48 9.24
CA THR B 27 -16.73 -3.05 7.90
C THR B 27 -18.04 -3.75 7.57
N THR B 28 -18.85 -3.15 6.69
CA THR B 28 -20.13 -3.79 6.28
C THR B 28 -20.07 -4.20 4.82
N ALA B 29 -20.80 -5.26 4.47
CA ALA B 29 -20.89 -5.69 3.06
C ALA B 29 -22.24 -6.32 2.77
N HIS B 30 -22.51 -6.58 1.50
CA HIS B 30 -23.77 -7.15 1.07
C HIS B 30 -23.50 -8.13 -0.05
N LEU B 31 -24.05 -9.34 0.06
CA LEU B 31 -23.76 -10.41 -0.90
C LEU B 31 -24.99 -11.30 -1.06
N LEU B 32 -25.51 -11.40 -2.29
CA LEU B 32 -26.63 -12.30 -2.60
C LEU B 32 -27.80 -12.11 -1.63
N GLY B 33 -28.06 -10.86 -1.26
CA GLY B 33 -29.15 -10.51 -0.39
C GLY B 33 -28.86 -10.59 1.09
N VAL B 34 -27.66 -10.97 1.49
CA VAL B 34 -27.31 -11.13 2.90
C VAL B 34 -26.46 -9.94 3.32
N LYS B 35 -26.82 -9.32 4.45
CA LYS B 35 -25.96 -8.27 4.99
C LYS B 35 -24.86 -8.91 5.81
N LEU B 36 -23.63 -8.46 5.59
CA LEU B 36 -22.46 -9.11 6.23
C LEU B 36 -21.70 -8.16 7.15
N VAL B 37 -21.18 -8.69 8.25
CA VAL B 37 -20.28 -7.89 9.12
C VAL B 37 -18.87 -8.45 8.95
N LEU B 38 -17.92 -7.61 8.57
CA LEU B 38 -16.51 -8.05 8.49
C LEU B 38 -15.73 -7.38 9.61
N TRP B 39 -15.14 -8.17 10.49
CA TRP B 39 -14.40 -7.58 11.63
C TRP B 39 -13.03 -8.23 11.82
N ARG B 40 -12.10 -7.46 12.37
CA ARG B 40 -10.74 -7.97 12.62
C ARG B 40 -10.29 -7.66 14.04
N SER B 41 -9.06 -8.01 14.37
CA SER B 41 -8.49 -7.85 15.73
C SER B 41 -7.24 -6.98 15.67
N HIS B 42 -6.80 -6.45 16.82
CA HIS B 42 -5.53 -5.69 16.98
C HIS B 42 -4.31 -6.63 16.97
N GLU B 43 -4.59 -7.92 16.78
CA GLU B 43 -3.49 -8.88 16.53
C GLU B 43 -2.87 -8.36 15.23
N GLN B 44 -1.57 -8.10 15.23
CA GLN B 44 -0.93 -7.47 14.04
C GLN B 44 -1.34 -8.20 12.76
N ASN B 45 -1.59 -9.51 12.86
CA ASN B 45 -2.04 -10.26 11.68
C ASN B 45 -3.25 -11.15 12.03
N SER B 46 -4.25 -10.61 12.73
CA SER B 46 -5.52 -11.28 12.98
C SER B 46 -6.25 -11.63 11.68
N PRO B 47 -6.98 -12.74 11.66
CA PRO B 47 -7.84 -13.07 10.52
C PRO B 47 -9.08 -12.19 10.46
N ILE B 48 -9.72 -12.25 9.30
CA ILE B 48 -10.94 -11.52 8.98
C ILE B 48 -12.12 -12.45 9.25
N GLN B 49 -13.03 -12.07 10.13
CA GLN B 49 -14.30 -12.77 10.30
C GLN B 49 -15.37 -12.12 9.44
N VAL B 50 -16.13 -12.97 8.75
CA VAL B 50 -17.28 -12.48 7.95
C VAL B 50 -18.51 -13.22 8.46
N TRP B 51 -19.38 -12.49 9.14
CA TRP B 51 -20.62 -13.09 9.68
C TRP B 51 -21.83 -12.39 9.10
N GLN B 52 -23.01 -12.89 9.41
CA GLN B 52 -24.24 -12.16 9.02
C GLN B 52 -24.35 -11.00 10.00
N ASP B 53 -24.68 -9.81 9.49
CA ASP B 53 -24.85 -8.61 10.34
C ASP B 53 -26.15 -8.85 11.10
N TYR B 54 -26.08 -9.64 12.18
CA TYR B 54 -27.31 -10.03 12.89
C TYR B 54 -27.00 -10.61 14.26
N CYS B 55 -27.41 -9.89 15.30
CA CYS B 55 -27.38 -10.37 16.68
C CYS B 55 -28.61 -11.22 16.94
N PRO B 56 -28.52 -12.53 17.22
CA PRO B 56 -29.75 -13.34 17.35
C PRO B 56 -30.51 -13.11 18.65
N HIS B 57 -30.02 -12.25 19.55
CA HIS B 57 -30.78 -11.93 20.75
C HIS B 57 -32.00 -11.08 20.43
N ARG B 58 -31.78 -9.84 20.00
CA ARG B 58 -32.89 -8.97 19.67
C ARG B 58 -32.74 -8.31 18.29
N GLY B 59 -31.90 -8.87 17.43
CA GLY B 59 -31.93 -8.51 16.02
C GLY B 59 -31.26 -7.22 15.64
N VAL B 60 -30.35 -6.71 16.48
CA VAL B 60 -29.53 -5.54 16.20
C VAL B 60 -28.43 -5.93 15.21
N PRO B 61 -27.88 -5.01 14.42
CA PRO B 61 -26.72 -5.35 13.58
C PRO B 61 -25.46 -5.36 14.44
N LEU B 62 -24.72 -6.48 14.36
CA LEU B 62 -23.45 -6.54 15.09
C LEU B 62 -22.45 -5.50 14.62
N SER B 63 -22.54 -5.05 13.37
CA SER B 63 -21.66 -4.01 12.86
C SER B 63 -21.82 -2.68 13.60
N MET B 64 -22.86 -2.52 14.40
CA MET B 64 -22.94 -1.31 15.19
C MET B 64 -22.32 -1.47 16.57
N GLY B 65 -21.55 -2.56 16.75
CA GLY B 65 -20.88 -2.83 18.01
C GLY B 65 -19.45 -2.32 18.05
N GLU B 66 -18.67 -2.94 18.95
CA GLU B 66 -17.25 -2.62 19.03
C GLU B 66 -16.46 -3.92 19.14
N VAL B 67 -15.26 -3.89 18.53
CA VAL B 67 -14.29 -4.98 18.67
C VAL B 67 -13.54 -4.78 19.98
N ALA B 68 -13.49 -5.83 20.82
CA ALA B 68 -12.76 -5.75 22.08
C ALA B 68 -12.26 -7.13 22.50
N ASN B 69 -10.97 -7.17 22.83
CA ASN B 69 -10.21 -8.35 23.31
C ASN B 69 -10.61 -9.59 22.52
N ASN B 70 -10.50 -9.52 21.18
CA ASN B 70 -10.72 -10.62 20.25
C ASN B 70 -12.18 -11.08 20.23
N THR B 71 -13.11 -10.21 20.63
CA THR B 71 -14.53 -10.47 20.51
C THR B 71 -15.21 -9.27 19.85
N LEU B 72 -16.34 -9.55 19.23
CA LEU B 72 -17.24 -8.52 18.74
C LEU B 72 -18.40 -8.43 19.72
N VAL B 73 -18.67 -7.21 20.20
CA VAL B 73 -19.58 -6.88 21.30
C VAL B 73 -20.84 -6.23 20.75
N CYS B 74 -22.01 -6.81 21.02
CA CYS B 74 -23.23 -6.21 20.50
C CYS B 74 -23.61 -4.98 21.33
N PRO B 75 -24.06 -3.92 20.66
CA PRO B 75 -24.30 -2.66 21.39
C PRO B 75 -25.50 -2.69 22.31
N TYR B 76 -26.45 -3.61 22.10
CA TYR B 76 -27.74 -3.50 22.78
C TYR B 76 -27.65 -4.02 24.21
N HIS B 77 -27.17 -5.25 24.39
CA HIS B 77 -26.97 -5.84 25.72
C HIS B 77 -25.55 -6.33 25.97
N GLY B 78 -24.57 -5.97 25.15
CA GLY B 78 -23.18 -6.24 25.46
C GLY B 78 -22.73 -7.69 25.33
N TRP B 79 -23.47 -8.48 24.56
CA TRP B 79 -23.10 -9.90 24.36
C TRP B 79 -21.77 -9.97 23.59
N ARG B 80 -20.84 -10.78 24.06
CA ARG B 80 -19.49 -10.83 23.44
C ARG B 80 -19.33 -12.13 22.66
N TYR B 81 -19.06 -12.04 21.35
CA TYR B 81 -18.94 -13.24 20.48
C TYR B 81 -17.48 -13.41 20.07
N ASN B 82 -16.91 -14.61 20.28
CA ASN B 82 -15.50 -14.84 20.01
C ASN B 82 -15.28 -14.98 18.50
N GLN B 83 -14.03 -15.26 18.11
CA GLN B 83 -13.70 -15.30 16.68
C GLN B 83 -14.41 -16.44 15.95
N ALA B 84 -14.83 -17.48 16.65
CA ALA B 84 -15.63 -18.53 16.03
C ALA B 84 -17.10 -18.18 15.98
N GLY B 85 -17.47 -17.02 16.52
CA GLY B 85 -18.85 -16.60 16.53
C GLY B 85 -19.65 -17.11 17.69
N LYS B 86 -19.02 -17.79 18.63
CA LYS B 86 -19.75 -18.26 19.80
C LYS B 86 -19.81 -17.15 20.83
N CYS B 87 -21.01 -16.93 21.37
CA CYS B 87 -21.05 -15.93 22.44
C CYS B 87 -20.49 -16.53 23.73
N VAL B 88 -19.59 -15.78 24.33
CA VAL B 88 -18.84 -16.25 25.47
C VAL B 88 -19.08 -15.42 26.73
N GLN B 89 -19.74 -14.27 26.62
CA GLN B 89 -20.11 -13.44 27.75
C GLN B 89 -21.52 -12.91 27.58
N ILE B 90 -22.33 -12.91 28.64
CA ILE B 90 -23.59 -12.18 28.68
C ILE B 90 -23.58 -11.35 29.96
N PRO B 91 -23.26 -10.03 29.91
CA PRO B 91 -23.10 -9.24 31.13
C PRO B 91 -24.23 -9.34 32.17
N ALA B 92 -25.46 -9.58 31.73
CA ALA B 92 -26.62 -9.65 32.65
C ALA B 92 -26.46 -10.84 33.58
N HIS B 93 -26.11 -11.99 33.02
CA HIS B 93 -25.89 -13.21 33.81
C HIS B 93 -24.40 -13.52 33.72
N PRO B 94 -23.55 -12.94 34.59
CA PRO B 94 -22.11 -13.07 34.45
C PRO B 94 -21.59 -14.50 34.51
N ASP B 95 -22.14 -15.32 35.40
CA ASP B 95 -21.62 -16.69 35.59
C ASP B 95 -22.52 -17.70 34.86
N MET B 96 -23.14 -17.28 33.76
CA MET B 96 -24.00 -18.20 32.97
C MET B 96 -23.32 -18.48 31.63
N VAL B 97 -23.19 -19.76 31.29
CA VAL B 97 -22.58 -20.16 30.03
C VAL B 97 -23.66 -19.86 28.99
N PRO B 98 -23.37 -19.07 27.97
CA PRO B 98 -24.42 -18.75 26.99
C PRO B 98 -24.93 -20.02 26.34
N PRO B 99 -26.24 -20.09 26.08
CA PRO B 99 -26.81 -21.24 25.36
C PRO B 99 -26.14 -21.44 24.00
N ALA B 100 -26.24 -22.68 23.52
CA ALA B 100 -25.62 -23.00 22.23
C ALA B 100 -26.21 -22.16 21.11
N SER B 101 -27.48 -21.75 21.24
CA SER B 101 -28.12 -20.90 20.23
C SER B 101 -27.51 -19.52 20.15
N ALA B 102 -26.77 -19.10 21.18
CA ALA B 102 -26.18 -17.76 21.21
C ALA B 102 -24.92 -17.83 20.36
N GLN B 103 -25.14 -17.75 19.06
CA GLN B 103 -24.08 -18.04 18.10
C GLN B 103 -24.39 -17.23 16.86
N ALA B 104 -23.39 -16.48 16.40
CA ALA B 104 -23.52 -15.75 15.15
C ALA B 104 -23.43 -16.70 13.97
N LYS B 105 -24.08 -16.33 12.88
CA LYS B 105 -24.00 -17.12 11.66
C LYS B 105 -22.70 -16.74 10.97
N THR B 106 -21.77 -17.69 10.86
CA THR B 106 -20.46 -17.39 10.28
C THR B 106 -20.37 -17.98 8.88
N TYR B 107 -19.52 -17.36 8.07
CA TYR B 107 -19.32 -17.76 6.68
C TYR B 107 -17.84 -18.00 6.44
N HIS B 108 -17.55 -18.79 5.41
CA HIS B 108 -16.17 -19.04 5.02
C HIS B 108 -15.52 -17.78 4.45
N CYS B 109 -14.34 -17.47 4.99
CA CYS B 109 -13.58 -16.36 4.46
C CYS B 109 -12.14 -16.77 4.20
N GLN B 110 -11.63 -16.38 3.03
CA GLN B 110 -10.21 -16.66 2.66
C GLN B 110 -9.64 -15.39 2.04
N GLU B 111 -8.46 -14.96 2.50
CA GLU B 111 -7.78 -13.79 1.89
C GLU B 111 -6.88 -14.25 0.74
N ARG B 112 -7.06 -13.69 -0.46
CA ARG B 112 -6.17 -14.03 -1.60
C ARG B 112 -6.07 -12.84 -2.56
N TYR B 113 -4.87 -12.58 -3.07
CA TYR B 113 -4.61 -11.50 -4.06
C TYR B 113 -4.98 -10.14 -3.44
N GLY B 114 -4.85 -10.00 -2.13
CA GLY B 114 -5.19 -8.73 -1.43
C GLY B 114 -6.68 -8.54 -1.35
N LEU B 115 -7.45 -9.59 -1.57
CA LEU B 115 -8.91 -9.51 -1.58
C LEU B 115 -9.49 -10.47 -0.55
N VAL B 116 -10.67 -10.11 -0.03
CA VAL B 116 -11.47 -10.84 0.95
C VAL B 116 -12.46 -11.70 0.19
N TRP B 117 -12.32 -13.02 0.14
CA TRP B 117 -13.27 -13.89 -0.53
C TRP B 117 -14.19 -14.50 0.50
N VAL B 118 -15.48 -14.58 0.18
CA VAL B 118 -16.48 -15.13 1.07
C VAL B 118 -17.31 -16.13 0.29
N CYS B 119 -17.66 -17.23 0.97
CA CYS B 119 -18.66 -18.12 0.40
C CYS B 119 -19.71 -18.39 1.46
N LEU B 120 -20.94 -18.11 1.04
CA LEU B 120 -22.08 -18.23 1.92
C LEU B 120 -22.48 -19.67 2.19
N GLY B 121 -22.03 -20.59 1.37
CA GLY B 121 -22.43 -21.98 1.45
C GLY B 121 -21.24 -22.85 1.76
N ASN B 122 -21.11 -23.94 1.00
CA ASN B 122 -19.94 -24.84 1.13
C ASN B 122 -19.11 -24.68 -0.14
N PRO B 123 -17.85 -24.24 -0.03
CA PRO B 123 -17.04 -23.97 -1.21
C PRO B 123 -16.68 -25.24 -1.97
N VAL B 124 -17.40 -25.50 -3.05
CA VAL B 124 -17.12 -26.72 -3.88
C VAL B 124 -16.06 -26.34 -4.93
N ASN B 125 -15.96 -25.05 -5.26
CA ASN B 125 -14.91 -24.60 -6.21
C ASN B 125 -13.82 -23.88 -5.42
N ASP B 126 -12.67 -23.65 -6.05
CA ASP B 126 -11.58 -22.89 -5.39
C ASP B 126 -11.65 -21.43 -5.87
N ILE B 127 -10.89 -20.55 -5.21
CA ILE B 127 -10.86 -19.13 -5.68
C ILE B 127 -10.17 -19.14 -7.04
N PRO B 128 -10.69 -18.42 -8.06
CA PRO B 128 -10.01 -18.30 -9.35
C PRO B 128 -8.49 -18.11 -9.27
N SER B 129 -7.78 -18.62 -10.28
CA SER B 129 -6.29 -18.56 -10.27
C SER B 129 -5.74 -17.26 -10.88
N PHE B 130 -4.52 -16.88 -10.50
CA PHE B 130 -3.88 -15.63 -10.98
C PHE B 130 -2.36 -15.86 -10.96
N PRO B 131 -1.74 -16.31 -12.07
CA PRO B 131 -0.31 -16.65 -12.08
C PRO B 131 0.72 -15.55 -11.85
N GLU B 132 0.45 -14.31 -12.26
CA GLU B 132 1.46 -13.22 -12.17
C GLU B 132 1.49 -12.64 -10.75
N TRP B 133 0.65 -13.15 -9.86
CA TRP B 133 0.65 -12.70 -8.45
C TRP B 133 2.02 -12.99 -7.84
N ASP B 134 2.54 -14.19 -8.09
CA ASP B 134 3.85 -14.59 -7.52
C ASP B 134 4.99 -13.99 -8.33
N ASP B 135 4.75 -13.65 -9.61
CA ASP B 135 5.84 -13.15 -10.49
C ASP B 135 6.36 -11.84 -9.90
N PRO B 136 7.67 -11.75 -9.58
CA PRO B 136 8.25 -10.53 -9.02
C PRO B 136 8.47 -9.41 -10.04
N ASN B 137 8.38 -9.71 -11.33
CA ASN B 137 8.63 -8.70 -12.39
C ASN B 137 7.36 -7.87 -12.62
N TYR B 138 6.26 -8.25 -11.99
CA TYR B 138 4.98 -7.54 -12.19
C TYR B 138 4.65 -6.68 -10.97
N HIS B 139 4.36 -5.40 -11.20
CA HIS B 139 3.90 -4.50 -10.11
C HIS B 139 2.40 -4.75 -9.93
N LYS B 140 1.84 -4.33 -8.80
CA LYS B 140 0.40 -4.59 -8.52
C LYS B 140 -0.32 -3.30 -8.16
N THR B 141 -1.59 -3.20 -8.52
CA THR B 141 -2.40 -2.03 -8.14
C THR B 141 -3.86 -2.46 -8.03
N TYR B 142 -4.63 -1.67 -7.30
CA TYR B 142 -6.05 -2.01 -7.10
C TYR B 142 -6.90 -0.79 -7.45
N THR B 143 -7.98 -1.01 -8.18
CA THR B 143 -8.93 0.08 -8.46
C THR B 143 -9.82 0.28 -7.25
N LYS B 144 -10.58 1.37 -7.25
CA LYS B 144 -11.56 1.56 -6.16
C LYS B 144 -12.76 0.66 -6.39
N SER B 145 -13.65 0.60 -5.42
CA SER B 145 -14.90 -0.17 -5.59
C SER B 145 -15.89 0.70 -6.38
N TYR B 146 -16.52 0.12 -7.38
CA TYR B 146 -17.54 0.84 -8.19
C TYR B 146 -18.91 0.23 -7.93
N LEU B 147 -19.80 1.00 -7.33
CA LEU B 147 -21.18 0.53 -7.10
C LEU B 147 -22.00 0.71 -8.38
N ILE B 148 -22.51 -0.39 -8.92
CA ILE B 148 -23.25 -0.32 -10.21
C ILE B 148 -24.71 -0.73 -9.98
N GLN B 149 -25.64 0.17 -10.31
CA GLN B 149 -27.08 -0.17 -10.24
C GLN B 149 -27.40 -0.99 -11.49
N ALA B 150 -26.84 -2.19 -11.57
CA ALA B 150 -27.08 -3.11 -12.69
C ALA B 150 -26.81 -4.53 -12.20
N SER B 151 -27.45 -5.52 -12.82
CA SER B 151 -27.27 -6.93 -12.43
C SER B 151 -25.80 -7.31 -12.50
N PRO B 152 -25.29 -8.11 -11.55
CA PRO B 152 -23.94 -8.62 -11.65
C PRO B 152 -23.66 -9.28 -13.00
N PHE B 153 -24.67 -9.91 -13.60
CA PHE B 153 -24.49 -10.66 -14.87
C PHE B 153 -24.48 -9.68 -16.03
N ARG B 154 -25.25 -8.59 -15.96
CA ARG B 154 -25.09 -7.53 -16.97
C ARG B 154 -23.74 -6.86 -16.88
N VAL B 155 -23.23 -6.62 -15.68
CA VAL B 155 -21.88 -6.07 -15.56
C VAL B 155 -20.88 -6.99 -16.26
N MET B 156 -20.96 -8.29 -15.98
CA MET B 156 -20.03 -9.21 -16.60
C MET B 156 -20.26 -9.32 -18.11
N ASP B 157 -21.52 -9.29 -18.56
CA ASP B 157 -21.80 -9.27 -19.99
C ASP B 157 -21.08 -8.12 -20.70
N ASN B 158 -21.11 -6.92 -20.10
CA ASN B 158 -20.46 -5.76 -20.70
C ASN B 158 -18.94 -5.93 -20.76
N SER B 159 -18.34 -6.59 -19.77
N SER B 159 -18.36 -6.63 -19.78
CA SER B 159 -16.89 -6.76 -19.82
CA SER B 159 -16.91 -6.83 -19.72
C SER B 159 -16.46 -7.72 -20.92
C SER B 159 -16.40 -7.87 -20.72
N ILE B 160 -17.29 -8.73 -21.22
CA ILE B 160 -16.95 -9.70 -22.27
C ILE B 160 -17.19 -9.10 -23.65
N ASP B 161 -18.04 -8.08 -23.75
CA ASP B 161 -18.28 -7.39 -25.03
C ASP B 161 -17.01 -6.67 -25.46
N VAL B 162 -16.63 -6.78 -26.74
CA VAL B 162 -15.41 -6.13 -27.26
C VAL B 162 -15.79 -5.25 -28.45
N SER B 163 -16.97 -5.49 -29.02
CA SER B 163 -17.44 -4.74 -30.21
C SER B 163 -17.75 -3.27 -29.88
N HIS B 164 -17.96 -2.96 -28.59
CA HIS B 164 -18.30 -1.58 -28.22
C HIS B 164 -17.07 -0.69 -28.01
N PHE B 165 -15.86 -1.24 -27.99
CA PHE B 165 -14.62 -0.44 -27.75
C PHE B 165 -14.54 0.78 -28.68
N PRO B 166 -14.73 0.70 -30.01
CA PRO B 166 -14.72 1.88 -30.87
C PRO B 166 -15.76 2.98 -30.62
N PHE B 167 -16.78 2.73 -29.80
CA PHE B 167 -17.86 3.73 -29.66
C PHE B 167 -17.91 4.35 -28.26
N ILE B 168 -17.79 3.57 -27.18
CA ILE B 168 -17.81 4.23 -25.88
C ILE B 168 -16.45 4.33 -25.22
N HIS B 169 -15.43 3.65 -25.75
CA HIS B 169 -14.05 3.72 -25.18
C HIS B 169 -13.08 4.29 -26.22
N GLU B 170 -13.53 5.28 -26.98
CA GLU B 170 -12.67 5.88 -28.04
C GLU B 170 -11.53 6.65 -27.38
N GLY B 171 -10.29 6.31 -27.73
CA GLY B 171 -9.12 6.97 -27.12
C GLY B 171 -8.33 6.00 -26.29
N ILE B 172 -8.98 4.98 -25.76
CA ILE B 172 -8.30 4.00 -24.87
C ILE B 172 -8.30 2.62 -25.55
N LEU B 173 -9.46 2.13 -25.95
CA LEU B 173 -9.54 0.74 -26.49
C LEU B 173 -9.94 0.73 -27.98
N GLY B 174 -10.17 1.88 -28.60
CA GLY B 174 -10.41 1.88 -30.03
C GLY B 174 -10.72 3.28 -30.54
N ASP B 175 -11.03 3.34 -31.84
CA ASP B 175 -11.54 4.57 -32.43
C ASP B 175 -12.55 4.22 -33.50
N ARG B 176 -13.34 5.23 -33.88
CA ARG B 176 -14.52 5.04 -34.73
C ARG B 176 -14.15 4.61 -36.15
N ASN B 177 -12.91 4.83 -36.57
CA ASN B 177 -12.35 4.35 -37.84
C ASN B 177 -11.86 2.90 -37.81
N HIS B 178 -11.94 2.20 -36.68
CA HIS B 178 -11.47 0.81 -36.60
C HIS B 178 -12.49 -0.05 -35.86
N ALA B 179 -13.72 -0.06 -36.39
CA ALA B 179 -14.87 -0.66 -35.74
C ALA B 179 -15.11 -2.11 -36.17
N GLU B 180 -14.60 -2.53 -37.31
CA GLU B 180 -14.83 -3.90 -37.76
C GLU B 180 -14.18 -4.88 -36.79
N VAL B 181 -14.92 -5.92 -36.45
CA VAL B 181 -14.40 -6.90 -35.46
C VAL B 181 -14.00 -8.16 -36.22
N GLU B 182 -12.80 -8.67 -35.94
CA GLU B 182 -12.30 -9.90 -36.60
C GLU B 182 -13.07 -11.11 -36.09
N ASP B 183 -12.95 -12.24 -36.78
CA ASP B 183 -13.60 -13.49 -36.32
C ASP B 183 -12.95 -13.87 -34.99
N LEU B 184 -13.72 -13.83 -33.91
CA LEU B 184 -13.15 -14.07 -32.57
C LEU B 184 -13.13 -15.56 -32.25
N GLU B 185 -12.12 -16.00 -31.51
CA GLU B 185 -12.01 -17.42 -31.10
C GLU B 185 -12.62 -17.56 -29.71
N VAL B 186 -13.68 -18.36 -29.59
CA VAL B 186 -14.38 -18.52 -28.28
C VAL B 186 -14.42 -19.99 -27.90
N LYS B 187 -13.82 -20.34 -26.77
CA LYS B 187 -13.81 -21.74 -26.29
C LYS B 187 -14.71 -21.88 -25.07
N VAL B 188 -15.83 -22.59 -25.21
CA VAL B 188 -16.75 -22.84 -24.07
C VAL B 188 -16.55 -24.29 -23.65
N ASP B 189 -15.90 -24.49 -22.51
CA ASP B 189 -15.59 -25.88 -22.09
C ASP B 189 -15.99 -26.12 -20.63
N LYS B 190 -15.62 -27.29 -20.11
CA LYS B 190 -15.94 -27.64 -18.71
C LYS B 190 -15.30 -26.61 -17.78
N ASP B 191 -14.03 -26.29 -18.00
CA ASP B 191 -13.35 -25.24 -17.19
C ASP B 191 -14.19 -23.96 -17.21
N GLY B 192 -14.52 -23.44 -18.40
CA GLY B 192 -15.40 -22.27 -18.49
C GLY B 192 -15.26 -21.51 -19.79
N LEU B 193 -15.60 -20.22 -19.77
CA LEU B 193 -15.55 -19.41 -21.01
C LEU B 193 -14.15 -18.89 -21.25
N THR B 194 -13.63 -19.06 -22.46
CA THR B 194 -12.32 -18.57 -22.84
C THR B 194 -12.44 -17.80 -24.14
N MET B 195 -11.71 -16.70 -24.24
CA MET B 195 -11.79 -15.80 -25.39
C MET B 195 -10.39 -15.63 -25.96
N GLY B 196 -10.21 -16.01 -27.24
CA GLY B 196 -8.88 -16.04 -27.80
C GLY B 196 -8.37 -14.68 -28.22
N LYS B 197 -7.07 -14.67 -28.53
CA LYS B 197 -6.37 -13.44 -28.85
C LYS B 197 -7.05 -12.65 -29.97
N TYR B 198 -7.08 -11.33 -29.76
CA TYR B 198 -7.73 -10.43 -30.73
C TYR B 198 -7.02 -9.08 -30.73
N GLN B 199 -7.21 -8.29 -31.79
CA GLN B 199 -6.49 -7.01 -31.93
C GLN B 199 -7.33 -5.85 -31.40
N VAL B 200 -6.77 -5.07 -30.49
CA VAL B 200 -7.43 -3.86 -29.93
C VAL B 200 -6.70 -2.69 -30.57
N HIS B 201 -7.41 -1.75 -31.16
CA HIS B 201 -6.64 -0.68 -31.85
C HIS B 201 -6.19 0.38 -30.87
N THR B 202 -4.92 0.82 -31.02
CA THR B 202 -4.19 1.85 -30.26
C THR B 202 -4.37 1.61 -28.77
N ASP B 212 0.57 0.58 -33.35
CA ASP B 212 -0.63 1.31 -32.87
C ASP B 212 -1.73 0.29 -32.58
N SER B 213 -1.43 -0.70 -31.73
CA SER B 213 -2.40 -1.80 -31.46
C SER B 213 -1.87 -2.75 -30.38
N MET B 214 -2.76 -3.50 -29.73
CA MET B 214 -2.39 -4.44 -28.64
C MET B 214 -3.19 -5.73 -28.79
N VAL B 215 -2.69 -6.85 -28.25
CA VAL B 215 -3.42 -8.10 -28.41
C VAL B 215 -3.85 -8.55 -27.02
N ASN B 216 -5.16 -8.78 -26.94
CA ASN B 216 -5.78 -9.12 -25.65
C ASN B 216 -6.47 -10.46 -25.71
N TRP B 217 -6.65 -11.10 -24.57
CA TRP B 217 -7.46 -12.31 -24.45
C TRP B 217 -7.95 -12.39 -23.02
N PHE B 218 -8.96 -13.25 -22.80
CA PHE B 218 -9.43 -13.44 -21.43
C PHE B 218 -10.11 -14.81 -21.27
N ARG B 219 -10.22 -15.20 -20.00
CA ARG B 219 -10.81 -16.49 -19.61
C ARG B 219 -11.69 -16.28 -18.38
N LEU B 220 -12.74 -17.08 -18.25
CA LEU B 220 -13.68 -16.99 -17.10
C LEU B 220 -13.87 -18.39 -16.53
N SER B 221 -13.18 -18.72 -15.44
CA SER B 221 -13.39 -20.02 -14.76
C SER B 221 -14.59 -19.87 -13.84
N HIS B 222 -14.91 -18.63 -13.50
CA HIS B 222 -16.03 -18.32 -12.59
C HIS B 222 -16.99 -17.41 -13.35
N PRO B 223 -18.31 -17.57 -13.17
CA PRO B 223 -19.27 -16.70 -13.84
C PRO B 223 -19.06 -15.19 -13.60
N LEU B 224 -18.56 -14.81 -12.44
CA LEU B 224 -18.44 -13.38 -12.09
C LEU B 224 -16.98 -12.98 -11.81
N CYS B 225 -16.03 -13.74 -12.35
CA CYS B 225 -14.59 -13.40 -12.20
C CYS B 225 -13.90 -13.55 -13.57
N GLN B 226 -13.17 -12.53 -14.00
CA GLN B 226 -12.55 -12.55 -15.36
C GLN B 226 -11.05 -12.26 -15.30
N TYR B 227 -10.24 -13.17 -15.84
CA TYR B 227 -8.78 -12.95 -15.92
C TYR B 227 -8.48 -12.48 -17.35
N CYS B 228 -7.76 -11.38 -17.47
CA CYS B 228 -7.46 -10.83 -18.80
C CYS B 228 -5.95 -10.58 -18.97
N SER B 229 -5.44 -10.74 -20.20
CA SER B 229 -4.01 -10.49 -20.49
C SER B 229 -3.90 -9.60 -21.72
N THR B 230 -3.16 -8.50 -21.61
CA THR B 230 -2.94 -7.59 -22.76
C THR B 230 -1.45 -7.49 -23.02
N GLU B 231 -0.99 -7.87 -24.22
CA GLU B 231 0.45 -7.71 -24.57
C GLU B 231 0.57 -6.57 -25.58
N ALA B 232 1.37 -5.57 -25.26
CA ALA B 232 1.58 -4.43 -26.17
C ALA B 232 3.00 -3.90 -26.05
N SER B 233 3.71 -3.72 -27.17
CA SER B 233 5.07 -3.13 -27.19
C SER B 233 5.93 -3.64 -26.02
N GLU B 234 6.14 -4.96 -25.94
CA GLU B 234 6.97 -5.62 -24.89
C GLU B 234 6.38 -5.57 -23.46
N MET B 235 5.37 -4.76 -23.20
CA MET B 235 4.77 -4.62 -21.84
C MET B 235 3.58 -5.58 -21.79
N ARG B 236 3.46 -6.40 -20.75
CA ARG B 236 2.26 -7.25 -20.57
C ARG B 236 1.44 -6.77 -19.37
N THR B 237 0.18 -6.42 -19.59
CA THR B 237 -0.72 -6.01 -18.48
C THR B 237 -1.78 -7.09 -18.27
N VAL B 238 -1.93 -7.55 -17.03
CA VAL B 238 -2.97 -8.57 -16.70
C VAL B 238 -3.95 -7.98 -15.68
N ASP B 239 -5.18 -8.47 -15.63
CA ASP B 239 -6.13 -7.98 -14.58
C ASP B 239 -7.10 -9.06 -14.12
N LEU B 240 -7.63 -8.89 -12.91
CA LEU B 240 -8.65 -9.82 -12.38
C LEU B 240 -9.88 -8.98 -12.04
N MET B 241 -10.90 -9.06 -12.87
CA MET B 241 -12.17 -8.33 -12.61
C MET B 241 -13.02 -9.17 -11.68
N VAL B 242 -13.42 -8.59 -10.56
CA VAL B 242 -14.28 -9.32 -9.58
C VAL B 242 -15.58 -8.54 -9.39
N VAL B 243 -16.71 -9.24 -9.53
CA VAL B 243 -18.04 -8.59 -9.29
C VAL B 243 -18.59 -9.09 -7.97
N THR B 244 -18.99 -8.18 -7.10
CA THR B 244 -19.69 -8.58 -5.87
C THR B 244 -21.18 -8.56 -6.21
N PRO B 245 -21.87 -9.71 -6.27
CA PRO B 245 -23.30 -9.70 -6.51
C PRO B 245 -24.06 -9.25 -5.24
N ILE B 246 -24.47 -7.99 -5.22
CA ILE B 246 -25.14 -7.49 -4.02
C ILE B 246 -26.51 -8.11 -3.88
N ASP B 247 -27.27 -8.09 -4.98
CA ASP B 247 -28.53 -8.79 -5.14
C ASP B 247 -28.74 -8.91 -6.65
N GLU B 248 -29.97 -9.15 -7.08
CA GLU B 248 -30.23 -9.41 -8.49
C GLU B 248 -29.99 -8.18 -9.35
N ASP B 249 -29.97 -7.00 -8.75
CA ASP B 249 -30.08 -5.76 -9.48
C ASP B 249 -28.93 -4.81 -9.20
N ASN B 250 -27.94 -5.25 -8.44
CA ASN B 250 -26.90 -4.35 -7.95
C ASN B 250 -25.57 -5.07 -7.84
N SER B 251 -24.48 -4.34 -8.07
CA SER B 251 -23.18 -4.96 -8.08
C SER B 251 -22.11 -4.01 -7.57
N VAL B 252 -21.01 -4.57 -7.07
CA VAL B 252 -19.74 -3.87 -6.88
C VAL B 252 -18.75 -4.45 -7.88
N LEU B 253 -17.93 -3.58 -8.47
CA LEU B 253 -16.92 -3.95 -9.46
C LEU B 253 -15.54 -3.54 -8.92
N ARG B 254 -14.60 -4.49 -8.99
CA ARG B 254 -13.22 -4.24 -8.50
C ARG B 254 -12.24 -4.89 -9.47
N TYR B 255 -11.03 -4.35 -9.57
CA TYR B 255 -10.00 -4.87 -10.50
C TYR B 255 -8.63 -4.92 -9.83
N LEU B 256 -7.94 -6.04 -9.97
CA LEU B 256 -6.54 -6.12 -9.50
C LEU B 256 -5.73 -6.12 -10.80
N ILE B 257 -4.97 -5.05 -11.03
CA ILE B 257 -4.18 -4.93 -12.28
C ILE B 257 -2.70 -5.15 -11.97
N MET B 258 -2.03 -5.97 -12.77
CA MET B 258 -0.58 -6.22 -12.59
C MET B 258 0.13 -5.98 -13.93
N TRP B 259 1.30 -5.35 -13.91
CA TRP B 259 2.01 -4.98 -15.17
C TRP B 259 3.53 -5.06 -15.01
N ASN B 260 4.25 -5.33 -16.10
CA ASN B 260 5.70 -5.51 -16.01
C ASN B 260 6.51 -4.32 -16.56
N GLY B 261 5.88 -3.16 -16.64
CA GLY B 261 6.59 -1.96 -17.11
C GLY B 261 7.03 -1.05 -15.97
N SER B 262 6.85 0.26 -16.15
CA SER B 262 7.33 1.25 -15.15
C SER B 262 6.31 1.43 -14.04
N LYS B 263 6.78 1.62 -12.81
CA LYS B 263 5.86 1.91 -11.68
C LYS B 263 5.14 3.24 -11.97
N THR B 264 5.77 4.15 -12.71
CA THR B 264 5.18 5.48 -13.04
C THR B 264 3.88 5.34 -13.82
N LEU B 265 3.66 4.21 -14.47
CA LEU B 265 2.44 3.98 -15.28
C LEU B 265 1.22 3.77 -14.36
N GLU B 266 1.43 3.45 -13.09
CA GLU B 266 0.31 3.12 -12.17
C GLU B 266 -0.82 4.13 -12.26
N SER B 267 -0.59 5.41 -11.93
CA SER B 267 -1.73 6.32 -11.92
C SER B 267 -2.35 6.44 -13.31
N LYS B 268 -1.54 6.29 -14.35
CA LYS B 268 -2.07 6.34 -15.74
C LYS B 268 -2.94 5.11 -15.97
N ILE B 269 -2.49 3.95 -15.50
CA ILE B 269 -3.28 2.73 -15.62
C ILE B 269 -4.60 2.91 -14.89
N LEU B 270 -4.53 3.40 -13.64
CA LEU B 270 -5.73 3.64 -12.84
C LEU B 270 -6.63 4.65 -13.54
N ALA B 271 -6.04 5.69 -14.14
CA ALA B 271 -6.86 6.69 -14.82
C ALA B 271 -7.52 6.11 -16.07
N ASP B 272 -6.79 5.28 -16.81
CA ASP B 272 -7.37 4.66 -18.00
C ASP B 272 -8.53 3.75 -17.62
N TYR B 273 -8.34 2.93 -16.60
CA TYR B 273 -9.41 2.06 -16.13
C TYR B 273 -10.62 2.85 -15.65
N ASP B 274 -10.39 3.92 -14.88
CA ASP B 274 -11.51 4.71 -14.36
C ASP B 274 -12.35 5.31 -15.48
N GLN B 275 -11.71 5.80 -16.54
CA GLN B 275 -12.45 6.38 -17.65
C GLN B 275 -13.28 5.32 -18.37
N VAL B 276 -12.65 4.19 -18.69
CA VAL B 276 -13.36 3.09 -19.35
C VAL B 276 -14.53 2.61 -18.51
N ILE B 277 -14.30 2.40 -17.21
CA ILE B 277 -15.35 1.83 -16.31
C ILE B 277 -16.56 2.76 -16.24
N GLU B 278 -16.35 4.05 -16.07
CA GLU B 278 -17.48 5.00 -15.93
C GLU B 278 -18.21 5.13 -17.27
N GLU B 279 -17.52 4.92 -18.39
CA GLU B 279 -18.17 4.91 -19.71
C GLU B 279 -19.03 3.65 -19.80
N ASP B 280 -18.55 2.55 -19.25
CA ASP B 280 -19.34 1.30 -19.23
C ASP B 280 -20.53 1.48 -18.29
N ILE B 281 -20.34 2.12 -17.14
CA ILE B 281 -21.41 2.34 -16.17
C ILE B 281 -22.51 3.23 -16.76
N ARG B 282 -22.15 4.23 -17.57
CA ARG B 282 -23.19 5.01 -18.22
C ARG B 282 -24.13 4.09 -19.02
N ILE B 283 -23.55 3.10 -19.71
CA ILE B 283 -24.37 2.19 -20.51
C ILE B 283 -25.11 1.22 -19.60
N LEU B 284 -24.41 0.64 -18.63
CA LEU B 284 -25.03 -0.35 -17.75
C LEU B 284 -26.25 0.24 -17.04
N HIS B 285 -26.17 1.50 -16.61
CA HIS B 285 -27.31 2.07 -15.90
C HIS B 285 -28.49 2.32 -16.82
N SER B 286 -28.23 2.52 -18.12
CA SER B 286 -29.33 2.80 -19.03
C SER B 286 -29.99 1.54 -19.58
N GLN B 287 -29.31 0.40 -19.48
CA GLN B 287 -29.82 -0.84 -20.13
C GLN B 287 -31.09 -1.39 -19.47
N GLN B 288 -32.02 -1.85 -20.30
CA GLN B 288 -33.26 -2.48 -19.79
C GLN B 288 -33.48 -3.78 -20.56
N PRO B 289 -33.86 -4.90 -19.92
CA PRO B 289 -34.06 -4.97 -18.48
C PRO B 289 -32.79 -4.95 -17.63
N THR B 290 -32.89 -4.55 -16.37
CA THR B 290 -31.70 -4.47 -15.48
C THR B 290 -31.00 -5.82 -15.41
N ARG B 291 -31.78 -6.89 -15.38
CA ARG B 291 -31.20 -8.22 -15.28
C ARG B 291 -30.83 -8.73 -16.69
N LEU B 292 -29.90 -9.66 -16.74
CA LEU B 292 -29.38 -10.12 -18.03
C LEU B 292 -30.35 -11.07 -18.72
N PRO B 293 -30.82 -10.76 -19.93
CA PRO B 293 -31.71 -11.70 -20.65
C PRO B 293 -30.94 -12.92 -21.17
N LEU B 294 -31.45 -14.12 -20.88
CA LEU B 294 -30.83 -15.31 -21.46
C LEU B 294 -31.47 -15.66 -22.82
N LEU B 295 -30.93 -16.68 -23.47
CA LEU B 295 -31.49 -17.15 -24.74
C LEU B 295 -32.69 -18.08 -24.57
N SER B 296 -33.53 -18.12 -25.60
CA SER B 296 -34.80 -18.85 -25.53
C SER B 296 -34.58 -20.36 -25.28
N LEU B 305 -40.35 -5.55 -23.53
CA LEU B 305 -39.20 -4.97 -24.28
C LEU B 305 -38.74 -6.00 -25.32
N PRO B 306 -38.47 -5.58 -26.58
CA PRO B 306 -38.07 -6.51 -27.63
C PRO B 306 -36.89 -7.44 -27.27
N GLN B 307 -36.89 -8.63 -27.85
CA GLN B 307 -35.83 -9.64 -27.55
C GLN B 307 -34.48 -9.23 -28.14
N GLU B 308 -33.39 -9.62 -27.47
CA GLU B 308 -32.03 -9.22 -27.91
C GLU B 308 -31.67 -9.87 -29.25
N ILE B 309 -31.07 -9.09 -30.14
CA ILE B 309 -30.64 -9.62 -31.47
C ILE B 309 -29.13 -9.84 -31.40
N HIS B 310 -28.64 -10.91 -32.01
CA HIS B 310 -27.20 -11.22 -31.91
C HIS B 310 -26.53 -11.26 -33.28
N VAL B 311 -25.39 -10.59 -33.45
CA VAL B 311 -24.60 -10.56 -34.67
C VAL B 311 -23.29 -11.31 -34.40
N PRO B 312 -22.47 -11.64 -35.41
CA PRO B 312 -21.26 -12.43 -35.15
C PRO B 312 -20.28 -11.86 -34.15
N SER B 313 -20.13 -10.55 -34.08
CA SER B 313 -19.23 -9.96 -33.06
C SER B 313 -19.69 -10.28 -31.64
N ASP B 314 -20.89 -10.85 -31.48
CA ASP B 314 -21.46 -11.12 -30.13
C ASP B 314 -21.31 -12.58 -29.74
N ARG B 315 -20.38 -13.32 -30.34
CA ARG B 315 -20.23 -14.77 -30.08
C ARG B 315 -19.93 -15.08 -28.61
N CYS B 316 -19.00 -14.35 -27.99
CA CYS B 316 -18.59 -14.65 -26.59
C CYS B 316 -19.67 -14.23 -25.59
N THR B 317 -20.45 -13.21 -25.93
CA THR B 317 -21.54 -12.73 -25.04
C THR B 317 -22.72 -13.69 -25.14
N VAL B 318 -22.95 -14.28 -26.32
CA VAL B 318 -24.00 -15.32 -26.47
C VAL B 318 -23.55 -16.51 -25.65
N ALA B 319 -22.25 -16.78 -25.63
CA ALA B 319 -21.73 -17.96 -24.93
C ALA B 319 -21.84 -17.79 -23.42
N TYR B 320 -21.78 -16.56 -22.93
CA TYR B 320 -21.92 -16.28 -21.48
C TYR B 320 -23.34 -16.64 -21.06
N ARG B 321 -24.33 -16.17 -21.83
CA ARG B 321 -25.75 -16.47 -21.53
C ARG B 321 -25.97 -17.97 -21.56
N ARG B 322 -25.36 -18.67 -22.51
CA ARG B 322 -25.53 -20.13 -22.66
C ARG B 322 -24.89 -20.84 -21.46
N TRP B 323 -23.76 -20.35 -20.97
CA TRP B 323 -23.09 -20.96 -19.80
C TRP B 323 -23.96 -20.76 -18.56
N LEU B 324 -24.58 -19.60 -18.41
CA LEU B 324 -25.37 -19.30 -17.20
C LEU B 324 -26.63 -20.16 -17.17
N LYS B 325 -27.24 -20.41 -18.31
CA LYS B 325 -28.43 -21.30 -18.37
C LYS B 325 -28.02 -22.74 -18.04
N GLU B 326 -26.86 -23.18 -18.52
CA GLU B 326 -26.37 -24.55 -18.26
C GLU B 326 -26.06 -24.69 -16.77
N LEU B 327 -25.58 -23.61 -16.16
CA LEU B 327 -25.29 -23.63 -14.70
C LEU B 327 -26.61 -23.50 -13.92
N GLY B 328 -27.68 -23.06 -14.57
CA GLY B 328 -28.97 -22.90 -13.88
C GLY B 328 -29.04 -21.62 -13.06
N VAL B 329 -28.50 -20.54 -13.59
CA VAL B 329 -28.61 -19.23 -12.89
C VAL B 329 -29.98 -18.65 -13.19
N THR B 330 -30.76 -18.35 -12.17
CA THR B 330 -32.09 -17.71 -12.32
C THR B 330 -32.03 -16.36 -11.59
N TYR B 331 -31.02 -16.19 -10.74
CA TYR B 331 -30.84 -14.96 -9.93
C TYR B 331 -30.07 -13.92 -10.73
N GLY B 332 -30.65 -12.75 -10.94
CA GLY B 332 -29.98 -11.66 -11.67
C GLY B 332 -30.12 -11.78 -13.15
N VAL B 333 -30.96 -12.72 -13.61
CA VAL B 333 -31.12 -12.96 -15.07
C VAL B 333 -32.60 -12.87 -15.44
N CYS B 334 -32.87 -12.54 -16.70
CA CYS B 334 -34.27 -12.33 -17.17
C CYS B 334 -34.56 -13.25 -18.37
N MET C 1 14.34 25.59 -12.97
CA MET C 1 13.78 26.93 -13.04
C MET C 1 12.85 27.06 -14.24
N THR C 2 12.50 28.30 -14.59
CA THR C 2 11.50 28.53 -15.66
C THR C 2 11.48 29.98 -16.11
N THR C 3 10.74 30.28 -17.17
CA THR C 3 10.55 31.68 -17.62
C THR C 3 9.26 32.20 -17.00
N ALA C 4 8.75 31.54 -15.96
CA ALA C 4 7.44 31.89 -15.39
C ALA C 4 7.52 33.08 -14.45
N ASP C 5 6.42 33.78 -14.29
CA ASP C 5 6.37 34.96 -13.38
C ASP C 5 6.30 34.51 -11.93
N LEU C 6 6.72 35.38 -11.02
CA LEU C 6 6.69 35.05 -9.58
C LEU C 6 5.25 35.00 -9.10
N ILE C 7 4.41 35.90 -9.60
CA ILE C 7 2.97 35.83 -9.23
C ILE C 7 2.49 34.41 -9.53
N LEU C 8 3.01 33.79 -10.59
CA LEU C 8 2.49 32.46 -10.92
C LEU C 8 3.19 31.38 -10.10
N ILE C 9 4.51 31.51 -9.94
CA ILE C 9 5.25 30.51 -9.17
C ILE C 9 4.82 30.45 -7.73
N ASN C 10 4.35 31.56 -7.14
CA ASN C 10 3.97 31.60 -5.74
C ASN C 10 2.53 31.23 -5.49
N ASN C 11 1.86 30.68 -6.49
CA ASN C 11 0.44 30.28 -6.33
C ASN C 11 0.32 28.76 -6.23
N TRP C 12 -0.78 28.26 -5.69
CA TRP C 12 -1.02 26.79 -5.63
C TRP C 12 -1.67 26.32 -6.92
N TYR C 13 -1.28 25.16 -7.42
CA TYR C 13 -1.92 24.60 -8.63
C TYR C 13 -2.15 23.10 -8.44
N VAL C 14 -3.26 22.60 -8.96
CA VAL C 14 -3.53 21.14 -8.91
C VAL C 14 -2.63 20.45 -9.92
N VAL C 15 -1.98 19.35 -9.52
CA VAL C 15 -1.10 18.57 -10.44
C VAL C 15 -1.61 17.12 -10.50
N ALA C 16 -2.49 16.74 -9.57
CA ALA C 16 -3.03 15.36 -9.54
C ALA C 16 -4.24 15.22 -8.62
N LYS C 17 -4.78 14.02 -8.54
CA LYS C 17 -5.88 13.71 -7.59
C LYS C 17 -5.32 12.79 -6.51
N VAL C 18 -5.86 12.86 -5.29
CA VAL C 18 -5.29 12.06 -4.18
C VAL C 18 -5.56 10.58 -4.48
N GLU C 19 -6.62 10.28 -5.22
CA GLU C 19 -7.00 8.88 -5.52
C GLU C 19 -6.02 8.23 -6.51
N ASP C 20 -5.20 9.03 -7.21
CA ASP C 20 -4.20 8.50 -8.16
C ASP C 20 -2.91 8.18 -7.41
N CYS C 21 -2.72 8.75 -6.23
CA CYS C 21 -1.47 8.57 -5.46
C CYS C 21 -1.71 7.53 -4.37
N ARG C 22 -1.34 6.28 -4.63
CA ARG C 22 -1.55 5.18 -3.68
C ARG C 22 -0.32 5.03 -2.78
N PRO C 23 -0.41 4.38 -1.61
CA PRO C 23 0.78 4.15 -0.80
C PRO C 23 1.87 3.39 -1.59
N GLY C 24 3.08 3.96 -1.64
CA GLY C 24 4.22 3.32 -2.31
C GLY C 24 4.34 3.69 -3.77
N SER C 25 3.53 4.64 -4.22
CA SER C 25 3.50 4.94 -5.66
C SER C 25 4.39 6.09 -6.08
N ILE C 26 4.77 6.09 -7.36
CA ILE C 26 5.60 7.16 -7.94
C ILE C 26 4.83 7.67 -9.16
N THR C 27 4.49 8.97 -9.17
CA THR C 27 3.70 9.59 -10.26
C THR C 27 4.51 10.74 -10.85
N THR C 28 4.44 10.94 -12.16
CA THR C 28 5.13 12.08 -12.81
C THR C 28 4.15 13.20 -13.15
N ALA C 29 4.59 14.44 -13.14
CA ALA C 29 3.72 15.57 -13.55
C ALA C 29 4.59 16.73 -14.04
N HIS C 30 3.94 17.73 -14.63
N HIS C 30 3.95 17.72 -14.67
CA HIS C 30 4.69 18.90 -15.18
CA HIS C 30 4.68 18.91 -15.18
C HIS C 30 3.97 20.18 -14.75
C HIS C 30 3.96 20.17 -14.72
N LEU C 31 4.71 21.12 -14.14
CA LEU C 31 4.11 22.40 -13.70
C LEU C 31 5.04 23.54 -14.06
N LEU C 32 4.53 24.53 -14.78
CA LEU C 32 5.33 25.75 -15.12
C LEU C 32 6.72 25.39 -15.63
N GLY C 33 6.83 24.44 -16.55
CA GLY C 33 8.11 24.09 -17.17
C GLY C 33 8.94 23.10 -16.38
N VAL C 34 8.49 22.72 -15.19
CA VAL C 34 9.34 21.84 -14.32
C VAL C 34 8.77 20.43 -14.28
N LYS C 35 9.63 19.44 -14.43
CA LYS C 35 9.21 18.02 -14.35
C LYS C 35 9.14 17.63 -12.87
N LEU C 36 8.07 16.96 -12.47
CA LEU C 36 7.88 16.69 -11.02
C LEU C 36 7.74 15.20 -10.72
N VAL C 37 8.23 14.78 -9.55
CA VAL C 37 8.01 13.39 -9.08
C VAL C 37 7.12 13.47 -7.83
N LEU C 38 6.03 12.71 -7.81
CA LEU C 38 5.11 12.67 -6.65
C LEU C 38 5.20 11.27 -6.05
N TRP C 39 5.64 11.17 -4.79
CA TRP C 39 5.80 9.82 -4.18
C TRP C 39 5.23 9.74 -2.76
N ARG C 40 4.75 8.56 -2.41
CA ARG C 40 4.22 8.32 -1.05
C ARG C 40 4.91 7.07 -0.50
N SER C 41 5.09 6.99 0.81
CA SER C 41 5.63 5.75 1.44
C SER C 41 4.54 4.69 1.49
N HIS C 42 4.94 3.44 1.66
CA HIS C 42 3.96 2.31 1.68
C HIS C 42 3.09 2.37 2.93
N GLU C 43 3.40 3.24 3.89
CA GLU C 43 2.55 3.41 5.08
C GLU C 43 1.19 4.00 4.65
N GLN C 44 0.14 3.64 5.36
CA GLN C 44 -1.19 4.20 5.05
C GLN C 44 -1.28 5.59 5.70
N ASN C 45 -2.02 6.51 5.07
CA ASN C 45 -2.10 7.91 5.56
C ASN C 45 -0.71 8.54 5.41
N SER C 46 0.05 8.10 4.42
CA SER C 46 1.41 8.62 4.17
C SER C 46 1.32 9.96 3.46
N PRO C 47 2.21 10.92 3.79
CA PRO C 47 2.23 12.18 3.05
C PRO C 47 2.71 12.06 1.59
N ILE C 48 2.30 13.01 0.75
CA ILE C 48 2.78 13.03 -0.66
C ILE C 48 3.95 14.01 -0.75
N GLN C 49 5.07 13.57 -1.30
CA GLN C 49 6.24 14.45 -1.47
C GLN C 49 6.31 14.84 -2.95
N VAL C 50 6.32 16.13 -3.25
CA VAL C 50 6.44 16.58 -4.66
C VAL C 50 7.80 17.25 -4.85
N TRP C 51 8.66 16.63 -5.65
CA TRP C 51 10.02 17.14 -5.89
C TRP C 51 10.26 17.33 -7.38
N GLN C 52 11.41 17.90 -7.75
CA GLN C 52 11.76 17.95 -9.17
C GLN C 52 12.24 16.55 -9.56
N ASP C 53 11.83 16.08 -10.73
CA ASP C 53 12.20 14.72 -11.19
C ASP C 53 13.65 14.75 -11.69
N TYR C 54 14.61 14.69 -10.76
CA TYR C 54 16.03 14.82 -11.13
C TYR C 54 16.94 14.40 -10.00
N CYS C 55 17.79 13.40 -10.26
CA CYS C 55 18.79 13.10 -9.28
C CYS C 55 20.08 13.86 -9.60
N PRO C 56 20.59 14.61 -8.64
CA PRO C 56 21.71 15.50 -8.94
C PRO C 56 23.04 14.79 -9.11
N HIS C 57 23.09 13.47 -8.96
CA HIS C 57 24.35 12.77 -9.17
C HIS C 57 24.70 12.71 -10.65
N ARG C 58 23.89 12.03 -11.45
CA ARG C 58 24.15 11.94 -12.88
C ARG C 58 22.93 12.27 -13.72
N GLY C 59 21.94 12.99 -13.16
CA GLY C 59 20.82 13.48 -13.96
C GLY C 59 19.80 12.46 -14.41
N VAL C 60 19.63 11.40 -13.64
CA VAL C 60 18.61 10.37 -13.98
C VAL C 60 17.30 10.76 -13.31
N PRO C 61 16.14 10.66 -13.99
CA PRO C 61 14.87 10.91 -13.35
C PRO C 61 14.65 10.04 -12.11
N LEU C 62 14.36 10.68 -10.98
CA LEU C 62 14.11 9.96 -9.70
C LEU C 62 12.80 9.18 -9.83
N SER C 63 11.91 9.59 -10.73
CA SER C 63 10.69 8.84 -10.93
C SER C 63 10.94 7.46 -11.57
N MET C 64 12.13 7.18 -12.07
CA MET C 64 12.43 5.81 -12.52
C MET C 64 12.88 4.89 -11.40
N GLY C 65 12.76 5.31 -10.15
CA GLY C 65 13.27 4.45 -9.09
C GLY C 65 12.22 3.68 -8.34
N GLU C 66 12.46 3.46 -7.05
CA GLU C 66 11.53 2.70 -6.20
C GLU C 66 11.35 3.42 -4.87
N VAL C 67 10.20 3.20 -4.24
CA VAL C 67 9.98 3.74 -2.87
C VAL C 67 10.29 2.59 -1.92
N ALA C 68 11.20 2.81 -0.97
CA ALA C 68 11.61 1.72 -0.06
C ALA C 68 12.04 2.31 1.27
N ASN C 69 11.44 1.83 2.37
CA ASN C 69 11.83 2.25 3.75
C ASN C 69 11.68 3.78 3.89
N ASN C 70 10.58 4.35 3.44
CA ASN C 70 10.30 5.80 3.55
C ASN C 70 11.38 6.61 2.81
N THR C 71 11.92 6.05 1.73
CA THR C 71 12.93 6.77 0.91
C THR C 71 12.65 6.57 -0.58
N LEU C 72 12.89 7.59 -1.39
CA LEU C 72 12.82 7.40 -2.85
C LEU C 72 14.23 7.01 -3.31
N VAL C 73 14.36 5.90 -4.02
CA VAL C 73 15.69 5.38 -4.42
C VAL C 73 15.92 5.62 -5.91
N CYS C 74 17.06 6.20 -6.29
CA CYS C 74 17.40 6.43 -7.72
C CYS C 74 17.78 5.12 -8.38
N PRO C 75 17.35 4.86 -9.62
CA PRO C 75 17.73 3.65 -10.34
C PRO C 75 19.20 3.46 -10.73
N TYR C 76 19.96 4.53 -10.97
CA TYR C 76 21.34 4.41 -11.49
C TYR C 76 22.30 3.89 -10.43
N HIS C 77 22.37 4.55 -9.27
CA HIS C 77 23.36 4.14 -8.24
C HIS C 77 22.66 3.87 -6.90
N GLY C 78 21.34 3.96 -6.84
CA GLY C 78 20.65 3.59 -5.58
C GLY C 78 20.76 4.56 -4.44
N TRP C 79 20.95 5.83 -4.74
CA TRP C 79 20.99 6.85 -3.67
C TRP C 79 19.62 6.91 -3.00
N ARG C 80 19.60 6.90 -1.67
CA ARG C 80 18.31 6.87 -0.92
C ARG C 80 18.00 8.26 -0.38
N TYR C 81 16.85 8.83 -0.75
CA TYR C 81 16.50 10.20 -0.35
C TYR C 81 15.30 10.19 0.60
N ASN C 82 15.42 10.84 1.76
CA ASN C 82 14.34 10.85 2.78
C ASN C 82 13.16 11.74 2.35
N GLN C 83 12.14 11.86 3.21
CA GLN C 83 10.92 12.64 2.89
C GLN C 83 11.23 14.13 2.68
N ALA C 84 12.36 14.61 3.17
CA ALA C 84 12.75 16.02 3.01
C ALA C 84 13.67 16.20 1.80
N GLY C 85 14.06 15.10 1.14
CA GLY C 85 14.88 15.19 -0.07
C GLY C 85 16.36 15.01 0.20
N LYS C 86 16.73 14.64 1.41
CA LYS C 86 18.16 14.54 1.74
C LYS C 86 18.64 13.13 1.47
N CYS C 87 19.73 12.99 0.72
CA CYS C 87 20.30 11.64 0.54
C CYS C 87 20.78 11.19 1.90
N VAL C 88 20.31 10.04 2.34
CA VAL C 88 20.67 9.53 3.70
C VAL C 88 21.55 8.29 3.54
N GLN C 89 21.84 7.86 2.31
CA GLN C 89 22.60 6.64 2.13
C GLN C 89 23.08 6.57 0.69
N ILE C 90 24.35 6.25 0.51
CA ILE C 90 24.96 6.00 -0.80
C ILE C 90 25.53 4.59 -0.77
N PRO C 91 24.93 3.63 -1.48
CA PRO C 91 25.35 2.23 -1.31
C PRO C 91 26.81 1.97 -1.61
N ALA C 92 27.43 2.69 -2.56
CA ALA C 92 28.84 2.49 -2.84
C ALA C 92 29.72 2.86 -1.65
N HIS C 93 29.23 3.70 -0.75
CA HIS C 93 30.03 4.18 0.37
C HIS C 93 29.14 4.17 1.60
N PRO C 94 28.84 2.98 2.11
CA PRO C 94 27.73 2.85 3.07
C PRO C 94 27.98 3.46 4.46
N ASP C 95 29.23 3.70 4.85
CA ASP C 95 29.58 4.33 6.11
C ASP C 95 29.80 5.83 5.98
N MET C 96 29.67 6.37 4.78
CA MET C 96 29.97 7.74 4.46
C MET C 96 28.72 8.58 4.64
N VAL C 97 28.86 9.74 5.24
CA VAL C 97 27.74 10.66 5.28
C VAL C 97 27.60 11.29 3.91
N PRO C 98 26.42 11.21 3.27
CA PRO C 98 26.30 11.80 1.94
C PRO C 98 26.57 13.29 1.99
N PRO C 99 27.14 13.86 0.92
CA PRO C 99 27.37 15.30 0.90
C PRO C 99 26.07 16.09 0.97
N ALA C 100 26.14 17.28 1.58
CA ALA C 100 24.95 18.12 1.72
C ALA C 100 24.37 18.53 0.38
N SER C 101 25.21 18.55 -0.65
CA SER C 101 24.76 18.85 -2.03
C SER C 101 23.76 17.80 -2.52
N ALA C 102 23.85 16.57 -2.00
CA ALA C 102 22.93 15.48 -2.41
C ALA C 102 21.56 15.75 -1.81
N GLN C 103 20.82 16.62 -2.45
CA GLN C 103 19.52 17.03 -1.94
C GLN C 103 18.59 17.17 -3.14
N ALA C 104 17.39 16.66 -3.03
CA ALA C 104 16.39 16.85 -4.10
C ALA C 104 15.75 18.22 -3.94
N LYS C 105 15.30 18.78 -5.04
CA LYS C 105 14.60 20.09 -5.00
C LYS C 105 13.16 19.78 -4.62
N THR C 106 12.71 20.26 -3.48
CA THR C 106 11.38 19.92 -2.99
C THR C 106 10.42 21.09 -3.09
N TYR C 107 9.13 20.77 -3.22
CA TYR C 107 8.12 21.80 -3.34
C TYR C 107 7.06 21.62 -2.28
N HIS C 108 6.25 22.65 -2.14
CA HIS C 108 5.14 22.62 -1.19
C HIS C 108 3.98 21.83 -1.79
N CYS C 109 3.47 20.89 -1.00
CA CYS C 109 2.31 20.14 -1.45
C CYS C 109 1.28 20.06 -0.32
N GLN C 110 0.02 20.15 -0.73
CA GLN C 110 -1.10 20.11 0.20
C GLN C 110 -2.28 19.41 -0.48
N GLU C 111 -2.94 18.52 0.24
CA GLU C 111 -4.16 17.87 -0.21
C GLU C 111 -5.40 18.67 0.23
N ARG C 112 -6.28 18.98 -0.73
CA ARG C 112 -7.58 19.54 -0.39
C ARG C 112 -8.54 19.26 -1.52
N TYR C 113 -9.76 18.94 -1.11
CA TYR C 113 -10.82 18.52 -2.02
C TYR C 113 -10.42 17.27 -2.82
N GLY C 114 -9.61 16.39 -2.24
CA GLY C 114 -9.18 15.22 -2.97
C GLY C 114 -8.21 15.52 -4.09
N LEU C 115 -7.62 16.72 -4.11
CA LEU C 115 -6.69 17.14 -5.12
C LEU C 115 -5.35 17.46 -4.49
N VAL C 116 -4.29 17.21 -5.24
CA VAL C 116 -2.93 17.48 -4.82
C VAL C 116 -2.55 18.86 -5.33
N TRP C 117 -2.33 19.79 -4.42
CA TRP C 117 -1.96 21.15 -4.77
C TRP C 117 -0.49 21.29 -4.50
N VAL C 118 0.18 22.00 -5.39
CA VAL C 118 1.62 22.19 -5.37
C VAL C 118 1.91 23.66 -5.53
N CYS C 119 2.88 24.15 -4.78
CA CYS C 119 3.40 25.49 -4.98
C CYS C 119 4.90 25.40 -5.18
N LEU C 120 5.39 25.86 -6.33
CA LEU C 120 6.82 25.79 -6.61
C LEU C 120 7.61 26.86 -5.87
N GLY C 121 6.96 27.88 -5.38
CA GLY C 121 7.68 28.96 -4.75
C GLY C 121 7.33 29.08 -3.27
N ASN C 122 7.11 30.32 -2.87
CA ASN C 122 6.69 30.60 -1.48
C ASN C 122 5.17 30.68 -1.47
N PRO C 123 4.47 29.82 -0.71
CA PRO C 123 3.02 29.79 -0.69
C PRO C 123 2.65 31.12 -0.01
N VAL C 124 2.38 32.16 -0.81
CA VAL C 124 1.87 33.45 -0.26
C VAL C 124 0.38 33.61 -0.57
N ASN C 125 -0.09 32.95 -1.62
CA ASN C 125 -1.53 32.99 -1.96
C ASN C 125 -2.22 31.78 -1.35
N ASP C 126 -3.54 31.80 -1.31
CA ASP C 126 -4.27 30.68 -0.64
C ASP C 126 -4.96 29.81 -1.68
N ILE C 127 -5.24 28.57 -1.30
CA ILE C 127 -5.99 27.64 -2.19
C ILE C 127 -7.41 28.18 -2.29
N PRO C 128 -7.98 28.29 -3.50
CA PRO C 128 -9.36 28.72 -3.66
C PRO C 128 -10.32 27.96 -2.74
N SER C 129 -11.42 28.62 -2.40
CA SER C 129 -12.41 27.99 -1.49
C SER C 129 -13.47 27.21 -2.27
N PHE C 130 -13.93 26.10 -1.71
CA PHE C 130 -15.03 25.31 -2.31
C PHE C 130 -16.00 25.06 -1.16
N PRO C 131 -16.93 25.99 -0.88
CA PRO C 131 -17.82 25.87 0.28
C PRO C 131 -18.57 24.55 0.45
N GLU C 132 -19.13 23.99 -0.61
CA GLU C 132 -19.98 22.78 -0.51
C GLU C 132 -19.18 21.49 -0.25
N TRP C 133 -17.87 21.57 -0.13
CA TRP C 133 -17.04 20.36 0.08
C TRP C 133 -17.48 19.64 1.36
N ASP C 134 -17.77 20.39 2.42
CA ASP C 134 -18.13 19.79 3.74
C ASP C 134 -19.65 19.73 3.93
N ASP C 135 -20.43 20.01 2.88
CA ASP C 135 -21.91 19.89 2.97
C ASP C 135 -22.28 18.44 2.66
N PRO C 136 -22.83 17.68 3.63
CA PRO C 136 -23.16 16.27 3.39
C PRO C 136 -24.33 16.11 2.41
N ASN C 137 -25.03 17.21 2.12
CA ASN C 137 -26.19 17.15 1.20
C ASN C 137 -25.69 17.16 -0.24
N TYR C 138 -24.40 17.44 -0.44
CA TYR C 138 -23.82 17.49 -1.79
C TYR C 138 -22.96 16.26 -2.05
N HIS C 139 -23.13 15.61 -3.20
CA HIS C 139 -22.31 14.46 -3.61
C HIS C 139 -21.13 14.95 -4.44
N LYS C 140 -20.06 14.17 -4.54
CA LYS C 140 -18.86 14.66 -5.26
C LYS C 140 -18.46 13.71 -6.38
N THR C 141 -17.92 14.26 -7.47
CA THR C 141 -17.38 13.44 -8.59
C THR C 141 -16.23 14.23 -9.22
N TYR C 142 -15.34 13.53 -9.90
CA TYR C 142 -14.19 14.18 -10.54
C TYR C 142 -14.19 13.80 -12.01
N THR C 143 -13.91 14.77 -12.88
CA THR C 143 -13.75 14.46 -14.31
C THR C 143 -12.39 13.83 -14.52
N LYS C 144 -12.19 13.19 -15.66
CA LYS C 144 -10.84 12.69 -15.97
C LYS C 144 -9.95 13.86 -16.36
N SER C 145 -8.65 13.64 -16.40
CA SER C 145 -7.70 14.68 -16.82
C SER C 145 -7.82 14.96 -18.32
N TYR C 146 -7.86 16.24 -18.71
CA TYR C 146 -7.89 16.60 -20.15
C TYR C 146 -6.59 17.33 -20.50
N LEU C 147 -5.77 16.71 -21.36
CA LEU C 147 -4.53 17.37 -21.83
C LEU C 147 -4.89 18.27 -23.01
N ILE C 148 -4.62 19.57 -22.87
CA ILE C 148 -5.00 20.54 -23.93
C ILE C 148 -3.73 21.21 -24.46
N GLN C 149 -3.57 21.21 -25.78
CA GLN C 149 -2.43 21.89 -26.44
C GLN C 149 -2.82 23.34 -26.67
N ALA C 150 -3.01 24.08 -25.58
CA ALA C 150 -3.37 25.51 -25.63
C ALA C 150 -2.90 26.16 -24.34
N SER C 151 -2.59 27.46 -24.38
CA SER C 151 -2.13 28.21 -23.20
C SER C 151 -3.09 28.04 -22.03
N PRO C 152 -2.58 27.87 -20.79
CA PRO C 152 -3.44 27.78 -19.62
C PRO C 152 -4.45 28.93 -19.55
N PHE C 153 -4.09 30.11 -20.01
CA PHE C 153 -4.94 31.31 -19.87
C PHE C 153 -5.98 31.36 -20.99
N ARG C 154 -5.69 30.73 -22.11
CA ARG C 154 -6.69 30.68 -23.20
C ARG C 154 -7.79 29.70 -22.79
N VAL C 155 -7.44 28.64 -22.05
CA VAL C 155 -8.42 27.63 -21.56
C VAL C 155 -9.36 28.31 -20.56
N MET C 156 -8.81 29.10 -19.66
CA MET C 156 -9.63 29.79 -18.64
C MET C 156 -10.49 30.87 -19.31
N ASP C 157 -9.93 31.60 -20.27
CA ASP C 157 -10.69 32.63 -21.03
C ASP C 157 -11.91 32.00 -21.68
N ASN C 158 -11.75 30.80 -22.24
CA ASN C 158 -12.88 30.05 -22.84
C ASN C 158 -13.92 29.77 -21.75
N SER C 159 -13.51 29.24 -20.59
CA SER C 159 -14.51 28.88 -19.56
C SER C 159 -15.12 30.13 -18.97
N ILE C 160 -14.56 31.32 -19.20
CA ILE C 160 -15.21 32.57 -18.72
C ILE C 160 -16.17 33.05 -19.82
N ASP C 161 -15.88 32.74 -21.08
CA ASP C 161 -16.78 33.10 -22.21
C ASP C 161 -18.11 32.39 -22.00
N VAL C 162 -19.21 33.11 -22.28
CA VAL C 162 -20.57 32.55 -22.15
C VAL C 162 -21.32 32.79 -23.45
N SER C 163 -20.85 33.72 -24.29
CA SER C 163 -21.63 33.96 -25.51
C SER C 163 -21.50 32.85 -26.54
N HIS C 164 -20.51 31.97 -26.41
CA HIS C 164 -20.37 30.87 -27.34
C HIS C 164 -21.37 29.74 -27.09
N PHE C 165 -22.08 29.75 -25.97
CA PHE C 165 -22.92 28.62 -25.59
C PHE C 165 -23.85 28.18 -26.72
N PRO C 166 -24.59 29.06 -27.38
CA PRO C 166 -25.55 28.56 -28.36
C PRO C 166 -24.90 28.05 -29.63
N PHE C 167 -23.59 28.19 -29.83
CA PHE C 167 -22.94 27.78 -31.08
C PHE C 167 -22.17 26.46 -30.92
N ILE C 168 -21.17 26.41 -30.03
CA ILE C 168 -20.44 25.16 -29.91
C ILE C 168 -20.97 24.26 -28.80
N HIS C 169 -21.88 24.74 -27.95
CA HIS C 169 -22.60 23.88 -27.01
C HIS C 169 -24.11 23.78 -27.25
N GLU C 170 -24.58 23.93 -28.49
CA GLU C 170 -26.00 23.71 -28.73
C GLU C 170 -26.44 22.32 -28.28
N GLY C 171 -27.61 22.26 -27.61
CA GLY C 171 -28.19 20.99 -27.16
C GLY C 171 -27.87 20.65 -25.72
N ILE C 172 -26.93 21.38 -25.10
CA ILE C 172 -26.55 21.11 -23.68
C ILE C 172 -26.52 22.43 -22.90
N LEU C 173 -25.91 23.47 -23.48
CA LEU C 173 -25.79 24.76 -22.82
C LEU C 173 -26.30 25.92 -23.67
N GLY C 174 -27.06 25.68 -24.72
CA GLY C 174 -27.52 26.81 -25.52
C GLY C 174 -28.42 26.39 -26.65
N ASP C 175 -29.18 27.38 -27.14
CA ASP C 175 -30.23 27.39 -28.15
C ASP C 175 -29.76 28.32 -29.27
N ARG C 176 -29.61 27.81 -30.48
CA ARG C 176 -29.08 28.68 -31.54
C ARG C 176 -30.05 29.82 -31.82
N ASN C 177 -31.26 29.75 -31.25
CA ASN C 177 -32.23 30.84 -31.51
C ASN C 177 -32.15 31.86 -30.36
N HIS C 178 -32.18 31.39 -29.12
CA HIS C 178 -32.02 32.33 -27.99
C HIS C 178 -30.52 32.57 -27.87
N ALA C 179 -29.93 33.29 -28.82
CA ALA C 179 -28.49 33.47 -28.77
C ALA C 179 -28.08 34.89 -28.44
N GLU C 180 -29.06 35.76 -28.19
CA GLU C 180 -28.75 37.16 -27.77
C GLU C 180 -28.30 37.13 -26.32
N VAL C 181 -27.29 37.92 -26.00
CA VAL C 181 -26.73 37.91 -24.62
C VAL C 181 -27.14 39.21 -23.93
N GLU C 182 -27.69 39.09 -22.72
CA GLU C 182 -28.09 40.27 -21.94
C GLU C 182 -26.86 41.00 -21.37
N ASP C 183 -27.05 42.20 -20.86
CA ASP C 183 -25.93 42.95 -20.24
C ASP C 183 -25.42 42.14 -19.04
N LEU C 184 -24.12 41.87 -18.98
CA LEU C 184 -23.57 40.98 -17.93
C LEU C 184 -23.00 41.78 -16.75
N GLU C 185 -23.24 41.29 -15.54
CA GLU C 185 -22.70 41.94 -14.34
C GLU C 185 -21.39 41.25 -14.00
N VAL C 186 -20.35 42.06 -14.04
CA VAL C 186 -19.03 41.53 -13.74
C VAL C 186 -18.36 42.57 -12.85
N LYS C 187 -17.91 42.03 -11.71
CA LYS C 187 -17.23 42.81 -10.69
C LYS C 187 -15.75 42.48 -10.64
N VAL C 188 -14.91 43.48 -10.39
CA VAL C 188 -13.49 43.33 -10.09
C VAL C 188 -13.28 43.89 -8.69
N ASP C 189 -13.01 43.02 -7.73
CA ASP C 189 -12.86 43.49 -6.33
C ASP C 189 -11.82 42.67 -5.56
N LYS C 190 -11.86 42.76 -4.23
CA LYS C 190 -10.88 42.05 -3.37
C LYS C 190 -11.03 40.54 -3.52
N ASP C 191 -12.25 40.07 -3.78
CA ASP C 191 -12.51 38.61 -3.85
C ASP C 191 -12.17 38.07 -5.25
N GLY C 192 -11.88 38.95 -6.20
CA GLY C 192 -11.44 38.50 -7.54
C GLY C 192 -12.38 38.90 -8.64
N LEU C 193 -12.63 37.99 -9.57
CA LEU C 193 -13.54 38.25 -10.67
C LEU C 193 -14.83 37.47 -10.44
N THR C 194 -15.94 38.17 -10.54
CA THR C 194 -17.24 37.55 -10.33
C THR C 194 -18.09 37.85 -11.54
N MET C 195 -18.58 36.81 -12.19
CA MET C 195 -19.69 36.90 -13.11
C MET C 195 -20.95 36.73 -12.29
N GLY C 196 -21.81 37.76 -12.27
CA GLY C 196 -23.04 37.67 -11.50
C GLY C 196 -24.06 36.82 -12.21
N LYS C 197 -25.17 36.55 -11.51
CA LYS C 197 -26.16 35.60 -11.99
C LYS C 197 -26.63 35.95 -13.40
N TYR C 198 -26.85 34.92 -14.22
CA TYR C 198 -27.21 35.09 -15.62
C TYR C 198 -27.89 33.81 -16.10
N GLN C 199 -28.80 33.97 -17.05
CA GLN C 199 -29.73 32.93 -17.49
C GLN C 199 -29.11 32.09 -18.60
N VAL C 200 -29.04 30.78 -18.42
CA VAL C 200 -28.52 29.86 -19.44
C VAL C 200 -29.76 29.28 -20.10
N HIS C 201 -29.87 29.37 -21.41
CA HIS C 201 -30.98 28.85 -22.18
C HIS C 201 -30.68 27.43 -22.66
N THR C 202 -31.35 26.41 -22.16
CA THR C 202 -30.97 25.08 -22.61
C THR C 202 -32.08 24.52 -23.49
N SER C 203 -31.71 23.56 -24.33
CA SER C 203 -32.69 22.94 -25.21
C SER C 203 -33.48 21.90 -24.43
N LYS C 204 -34.79 21.90 -24.62
CA LYS C 204 -35.62 20.86 -24.01
C LYS C 204 -35.17 19.50 -24.48
N PHE C 205 -35.17 18.52 -23.57
CA PHE C 205 -34.88 17.11 -23.96
C PHE C 205 -36.08 16.26 -23.53
N ASN C 206 -36.45 16.32 -22.25
CA ASN C 206 -37.65 15.60 -21.73
C ASN C 206 -38.87 16.48 -21.94
N ASN C 207 -39.75 16.08 -22.85
CA ASN C 207 -40.93 16.91 -23.19
C ASN C 207 -41.97 16.79 -22.08
N SER C 208 -41.83 15.77 -21.24
CA SER C 208 -42.76 15.56 -20.11
C SER C 208 -42.41 16.51 -18.97
N THR C 209 -41.13 16.86 -18.83
CA THR C 209 -40.70 17.69 -17.69
C THR C 209 -40.77 19.18 -18.05
N LYS C 210 -40.69 20.03 -17.02
CA LYS C 210 -40.78 21.49 -17.21
C LYS C 210 -39.44 22.04 -17.67
N ASP C 211 -39.44 23.26 -18.21
CA ASP C 211 -38.19 23.87 -18.72
C ASP C 211 -37.16 23.96 -17.59
N ASP C 212 -35.94 23.48 -17.87
CA ASP C 212 -34.87 23.50 -16.84
C ASP C 212 -34.20 24.89 -16.89
N SER C 213 -34.95 25.93 -16.52
CA SER C 213 -34.34 27.29 -16.44
C SER C 213 -33.09 27.20 -15.54
N MET C 214 -31.92 27.50 -16.11
CA MET C 214 -30.66 27.40 -15.34
C MET C 214 -30.11 28.79 -15.05
N VAL C 215 -29.82 29.09 -13.78
CA VAL C 215 -29.17 30.38 -13.39
C VAL C 215 -27.75 30.07 -12.95
N ASN C 216 -26.76 30.68 -13.58
CA ASN C 216 -25.38 30.34 -13.29
C ASN C 216 -24.61 31.61 -12.94
N TRP C 217 -23.55 31.43 -12.16
CA TRP C 217 -22.64 32.49 -11.82
C TRP C 217 -21.34 31.82 -11.46
N PHE C 218 -20.25 32.58 -11.50
CA PHE C 218 -18.97 31.99 -11.15
C PHE C 218 -18.03 33.04 -10.59
N ARG C 219 -17.06 32.58 -9.81
CA ARG C 219 -16.08 33.49 -9.19
C ARG C 219 -14.66 32.96 -9.41
N LEU C 220 -13.71 33.85 -9.66
CA LEU C 220 -12.30 33.46 -9.86
C LEU C 220 -11.44 34.23 -8.85
N SER C 221 -10.95 33.56 -7.81
CA SER C 221 -10.01 34.21 -6.85
C SER C 221 -8.59 33.96 -7.34
N HIS C 222 -8.40 32.83 -8.02
CA HIS C 222 -7.09 32.41 -8.57
C HIS C 222 -7.26 32.47 -10.08
N PRO C 223 -6.29 32.95 -10.87
CA PRO C 223 -6.54 33.11 -12.32
C PRO C 223 -6.66 31.80 -13.10
N LEU C 224 -6.31 30.64 -12.53
CA LEU C 224 -6.44 29.36 -13.24
C LEU C 224 -7.34 28.40 -12.46
N CYS C 225 -8.19 28.95 -11.59
CA CYS C 225 -9.27 28.14 -11.05
C CYS C 225 -10.54 28.99 -11.06
N GLN C 226 -11.64 28.31 -11.38
CA GLN C 226 -12.97 28.95 -11.45
C GLN C 226 -14.00 28.15 -10.67
N TYR C 227 -14.70 28.79 -9.74
CA TYR C 227 -15.79 28.25 -8.96
C TYR C 227 -17.06 28.66 -9.68
N CYS C 228 -17.84 27.66 -10.10
CA CYS C 228 -19.06 27.90 -10.89
C CYS C 228 -20.25 27.39 -10.08
N SER C 229 -21.38 28.05 -10.20
CA SER C 229 -22.56 27.68 -9.43
C SER C 229 -23.79 27.70 -10.33
N THR C 230 -24.48 26.58 -10.40
CA THR C 230 -25.71 26.53 -11.23
C THR C 230 -26.90 26.08 -10.40
N GLU C 231 -28.00 26.81 -10.48
CA GLU C 231 -29.26 26.36 -9.84
C GLU C 231 -30.26 26.13 -10.95
N ALA C 232 -30.75 24.90 -11.09
CA ALA C 232 -31.77 24.60 -12.10
C ALA C 232 -33.08 24.27 -11.40
N SER C 233 -33.94 23.47 -12.05
CA SER C 233 -35.30 23.20 -11.51
C SER C 233 -35.33 22.62 -10.09
N GLU C 234 -34.54 21.59 -9.83
CA GLU C 234 -34.61 20.94 -8.50
C GLU C 234 -33.21 20.61 -7.99
N MET C 235 -32.16 21.16 -8.62
CA MET C 235 -30.81 20.74 -8.21
C MET C 235 -29.82 21.90 -8.32
N ARG C 236 -28.98 22.06 -7.30
CA ARG C 236 -27.87 23.04 -7.42
C ARG C 236 -26.61 22.23 -7.72
N THR C 237 -25.91 22.59 -8.80
CA THR C 237 -24.66 21.88 -9.17
C THR C 237 -23.49 22.87 -9.16
N VAL C 238 -22.52 22.63 -8.29
CA VAL C 238 -21.33 23.52 -8.18
C VAL C 238 -20.12 22.75 -8.69
N ASP C 239 -19.14 23.47 -9.23
CA ASP C 239 -17.92 22.78 -9.68
C ASP C 239 -16.67 23.60 -9.41
N LEU C 240 -15.54 22.93 -9.28
CA LEU C 240 -14.25 23.64 -9.15
C LEU C 240 -13.40 23.25 -10.35
N MET C 241 -13.31 24.14 -11.34
CA MET C 241 -12.46 23.88 -12.52
C MET C 241 -11.04 24.29 -12.17
N VAL C 242 -10.09 23.40 -12.44
CA VAL C 242 -8.68 23.67 -12.07
C VAL C 242 -7.81 23.45 -13.31
N VAL C 243 -6.97 24.43 -13.64
CA VAL C 243 -6.09 24.32 -14.83
C VAL C 243 -4.65 24.14 -14.37
N THR C 244 -4.03 23.03 -14.76
CA THR C 244 -2.60 22.81 -14.48
C THR C 244 -1.80 23.48 -15.61
N PRO C 245 -1.04 24.55 -15.33
CA PRO C 245 -0.21 25.17 -16.35
C PRO C 245 1.07 24.36 -16.64
N ILE C 246 1.02 23.46 -17.61
CA ILE C 246 2.19 22.61 -17.94
C ILE C 246 3.29 23.53 -18.43
N ASP C 247 2.98 24.35 -19.42
CA ASP C 247 3.95 25.36 -19.91
C ASP C 247 3.16 26.54 -20.45
N GLU C 248 3.81 27.38 -21.26
CA GLU C 248 3.15 28.57 -21.85
C GLU C 248 2.14 28.15 -22.88
N ASP C 249 2.30 26.96 -23.47
CA ASP C 249 1.42 26.58 -24.60
C ASP C 249 0.66 25.30 -24.33
N ASN C 250 0.75 24.76 -23.12
CA ASN C 250 0.12 23.45 -22.82
C ASN C 250 -0.57 23.52 -21.45
N SER C 251 -1.65 22.75 -21.27
CA SER C 251 -2.43 22.84 -20.02
C SER C 251 -3.19 21.55 -19.72
N VAL C 252 -3.48 21.28 -18.45
CA VAL C 252 -4.33 20.12 -18.06
C VAL C 252 -5.60 20.66 -17.39
N LEU C 253 -6.76 20.20 -17.83
CA LEU C 253 -8.05 20.67 -17.28
C LEU C 253 -8.68 19.56 -16.43
N ARG C 254 -9.11 19.92 -15.22
CA ARG C 254 -9.77 18.94 -14.32
C ARG C 254 -10.93 19.65 -13.64
N TYR C 255 -11.99 18.91 -13.33
CA TYR C 255 -13.16 19.50 -12.65
C TYR C 255 -13.59 18.65 -11.47
N LEU C 256 -13.88 19.28 -10.33
CA LEU C 256 -14.49 18.57 -9.20
C LEU C 256 -15.93 19.04 -9.22
N ILE C 257 -16.88 18.14 -9.39
CA ILE C 257 -18.31 18.54 -9.52
C ILE C 257 -19.08 18.05 -8.28
N MET C 258 -19.88 18.94 -7.70
CA MET C 258 -20.69 18.59 -6.51
C MET C 258 -22.16 18.95 -6.77
N TRP C 259 -23.08 18.05 -6.42
CA TRP C 259 -24.52 18.27 -6.70
C TRP C 259 -25.38 17.83 -5.51
N ASN C 260 -26.56 18.42 -5.35
CA ASN C 260 -27.45 18.11 -4.20
C ASN C 260 -28.62 17.21 -4.61
N GLY C 261 -28.56 16.61 -5.80
CA GLY C 261 -29.62 15.71 -6.28
C GLY C 261 -29.33 14.26 -6.01
N SER C 262 -29.81 13.36 -6.87
CA SER C 262 -29.60 11.91 -6.68
C SER C 262 -28.19 11.52 -7.13
N LYS C 263 -27.47 10.78 -6.30
CA LYS C 263 -26.12 10.29 -6.68
C LYS C 263 -26.21 9.56 -8.02
N THR C 264 -27.39 9.05 -8.37
CA THR C 264 -27.57 8.28 -9.62
C THR C 264 -27.30 9.16 -10.84
N LEU C 265 -27.20 10.47 -10.64
CA LEU C 265 -26.99 11.42 -11.77
C LEU C 265 -25.50 11.51 -12.11
N GLU C 266 -24.64 10.84 -11.35
CA GLU C 266 -23.18 10.93 -11.60
C GLU C 266 -22.81 10.66 -13.07
N SER C 267 -23.24 9.54 -13.63
CA SER C 267 -22.87 9.15 -15.02
C SER C 267 -23.27 10.24 -16.02
N LYS C 268 -24.47 10.80 -15.89
CA LYS C 268 -24.95 11.87 -16.79
C LYS C 268 -24.12 13.14 -16.62
N ILE C 269 -23.83 13.53 -15.38
CA ILE C 269 -23.03 14.76 -15.11
C ILE C 269 -21.68 14.59 -15.79
N LEU C 270 -21.03 13.45 -15.62
CA LEU C 270 -19.67 13.26 -16.18
C LEU C 270 -19.70 13.24 -17.70
N ALA C 271 -20.74 12.68 -18.31
CA ALA C 271 -20.84 12.57 -19.77
C ALA C 271 -21.22 13.92 -20.39
N ASP C 272 -22.01 14.71 -19.69
CA ASP C 272 -22.43 16.03 -20.22
C ASP C 272 -21.26 17.00 -20.18
N TYR C 273 -20.43 16.90 -19.16
CA TYR C 273 -19.22 17.74 -19.05
C TYR C 273 -18.23 17.32 -20.14
N ASP C 274 -18.05 16.02 -20.34
CA ASP C 274 -17.15 15.51 -21.41
C ASP C 274 -17.52 16.17 -22.74
N GLN C 275 -18.80 16.13 -23.10
CA GLN C 275 -19.24 16.72 -24.38
C GLN C 275 -18.81 18.19 -24.47
N VAL C 276 -19.18 18.99 -23.48
CA VAL C 276 -18.87 20.45 -23.47
C VAL C 276 -17.36 20.65 -23.51
N ILE C 277 -16.61 19.92 -22.68
CA ILE C 277 -15.13 20.12 -22.60
C ILE C 277 -14.52 19.84 -23.97
N GLU C 278 -14.94 18.77 -24.63
CA GLU C 278 -14.31 18.40 -25.92
C GLU C 278 -14.78 19.32 -27.04
N GLU C 279 -15.97 19.90 -26.91
CA GLU C 279 -16.42 20.89 -27.92
C GLU C 279 -15.62 22.16 -27.72
N ASP C 280 -15.24 22.44 -26.49
CA ASP C 280 -14.43 23.64 -26.20
C ASP C 280 -12.99 23.38 -26.66
N ILE C 281 -12.47 22.16 -26.47
CA ILE C 281 -11.06 21.82 -26.83
C ILE C 281 -10.85 22.00 -28.33
N ARG C 282 -11.85 21.68 -29.13
CA ARG C 282 -11.76 21.81 -30.60
C ARG C 282 -11.45 23.25 -30.96
N ILE C 283 -12.02 24.20 -30.23
CA ILE C 283 -11.79 25.64 -30.55
C ILE C 283 -10.43 26.07 -29.98
N LEU C 284 -10.13 25.66 -28.77
CA LEU C 284 -8.86 26.03 -28.10
C LEU C 284 -7.67 25.56 -28.94
N HIS C 285 -7.78 24.39 -29.57
CA HIS C 285 -6.64 23.82 -30.34
C HIS C 285 -6.48 24.54 -31.67
N SER C 286 -7.46 25.33 -32.06
CA SER C 286 -7.44 26.01 -33.37
C SER C 286 -7.11 27.49 -33.20
N GLN C 287 -7.13 27.97 -31.96
CA GLN C 287 -7.02 29.42 -31.81
C GLN C 287 -5.58 29.86 -32.00
N GLN C 288 -5.41 30.98 -32.69
CA GLN C 288 -4.09 31.57 -32.81
C GLN C 288 -4.15 33.06 -32.53
N PRO C 289 -3.09 33.58 -31.90
CA PRO C 289 -1.93 32.78 -31.45
C PRO C 289 -2.30 31.82 -30.32
N THR C 290 -1.42 30.90 -29.97
CA THR C 290 -1.76 29.87 -28.94
C THR C 290 -1.85 30.54 -27.57
N ARG C 291 -1.13 31.64 -27.37
CA ARG C 291 -1.10 32.34 -26.06
C ARG C 291 -2.21 33.41 -26.04
N LEU C 292 -2.75 33.72 -24.86
CA LEU C 292 -3.87 34.65 -24.76
C LEU C 292 -3.38 36.07 -25.01
N PRO C 293 -3.93 36.79 -25.99
CA PRO C 293 -3.54 38.20 -26.19
C PRO C 293 -4.10 39.10 -25.10
N LEU C 294 -3.24 39.87 -24.46
CA LEU C 294 -3.71 40.87 -23.50
C LEU C 294 -4.12 42.16 -24.23
N LEU C 295 -4.58 43.15 -23.47
CA LEU C 295 -5.12 44.36 -24.10
C LEU C 295 -4.02 45.32 -24.57
N SER C 296 -4.37 46.14 -25.56
CA SER C 296 -3.51 47.05 -26.33
C SER C 296 -4.36 48.17 -26.95
N PRO C 297 -3.79 49.35 -27.31
CA PRO C 297 -4.46 50.32 -28.19
C PRO C 297 -3.90 50.35 -29.62
N LEU C 305 -0.91 39.28 -36.87
CA LEU C 305 -2.34 39.03 -36.70
C LEU C 305 -3.03 40.24 -36.07
N PRO C 306 -4.22 40.63 -36.55
CA PRO C 306 -4.88 41.80 -35.97
C PRO C 306 -5.27 41.59 -34.51
N GLN C 307 -5.44 42.72 -33.82
CA GLN C 307 -5.78 42.67 -32.40
C GLN C 307 -7.16 42.05 -32.21
N GLU C 308 -7.36 41.46 -31.04
CA GLU C 308 -8.69 40.94 -30.75
C GLU C 308 -9.69 42.10 -30.69
N ILE C 309 -10.94 41.81 -31.07
CA ILE C 309 -12.05 42.75 -31.01
C ILE C 309 -12.96 42.33 -29.87
N HIS C 310 -13.42 43.31 -29.11
CA HIS C 310 -14.28 43.01 -27.94
C HIS C 310 -15.63 43.69 -28.12
N VAL C 311 -16.71 42.95 -27.91
CA VAL C 311 -18.09 43.50 -27.98
C VAL C 311 -18.65 43.52 -26.55
N PRO C 312 -19.75 44.23 -26.25
CA PRO C 312 -20.37 44.19 -24.92
C PRO C 312 -20.46 42.83 -24.20
N SER C 313 -20.64 41.75 -24.94
CA SER C 313 -20.80 40.40 -24.32
C SER C 313 -19.46 39.82 -23.90
N ASP C 314 -18.36 40.47 -24.26
CA ASP C 314 -17.00 40.01 -23.90
C ASP C 314 -16.56 40.67 -22.60
N ARG C 315 -17.48 41.32 -21.88
CA ARG C 315 -17.13 42.08 -20.66
C ARG C 315 -16.30 41.27 -19.67
N CYS C 316 -16.72 40.05 -19.36
CA CYS C 316 -16.01 39.25 -18.32
C CYS C 316 -14.66 38.76 -18.84
N THR C 317 -14.50 38.59 -20.15
CA THR C 317 -13.21 38.13 -20.71
C THR C 317 -12.26 39.30 -20.89
N VAL C 318 -12.78 40.51 -21.09
CA VAL C 318 -11.90 41.71 -21.15
C VAL C 318 -11.38 41.95 -19.73
N ALA C 319 -12.25 41.75 -18.74
CA ALA C 319 -11.86 41.95 -17.33
C ALA C 319 -10.84 40.89 -16.94
N TYR C 320 -10.89 39.71 -17.53
CA TYR C 320 -9.89 38.66 -17.24
C TYR C 320 -8.53 39.12 -17.77
N ARG C 321 -8.50 39.58 -19.01
CA ARG C 321 -7.23 40.02 -19.64
C ARG C 321 -6.65 41.18 -18.85
N ARG C 322 -7.51 42.05 -18.32
CA ARG C 322 -7.07 43.21 -17.50
C ARG C 322 -6.47 42.70 -16.20
N TRP C 323 -7.17 41.81 -15.52
CA TRP C 323 -6.68 41.22 -14.24
C TRP C 323 -5.30 40.63 -14.46
N LEU C 324 -5.07 39.95 -15.58
CA LEU C 324 -3.77 39.28 -15.82
C LEU C 324 -2.66 40.32 -15.94
N LYS C 325 -2.96 41.49 -16.51
CA LYS C 325 -1.95 42.57 -16.65
C LYS C 325 -1.66 43.18 -15.27
N GLU C 326 -2.68 43.32 -14.45
CA GLU C 326 -2.50 43.85 -13.08
C GLU C 326 -1.67 42.86 -12.27
N LEU C 327 -1.94 41.57 -12.42
CA LEU C 327 -1.19 40.52 -11.69
C LEU C 327 0.25 40.46 -12.19
N GLY C 328 0.49 40.96 -13.39
CA GLY C 328 1.84 40.94 -13.98
C GLY C 328 2.12 39.66 -14.73
N VAL C 329 1.13 39.09 -15.41
CA VAL C 329 1.35 37.79 -16.09
C VAL C 329 1.95 38.03 -17.48
N THR C 330 3.07 37.37 -17.79
CA THR C 330 3.74 37.49 -19.10
C THR C 330 3.93 36.08 -19.68
N TYR C 331 3.68 35.04 -18.88
CA TYR C 331 3.87 33.66 -19.28
C TYR C 331 2.55 33.08 -19.80
N GLY C 332 2.56 32.51 -21.00
CA GLY C 332 1.33 31.99 -21.57
C GLY C 332 0.42 33.04 -22.19
N VAL C 333 0.88 34.29 -22.28
CA VAL C 333 0.12 35.41 -22.81
C VAL C 333 1.01 36.20 -23.78
N CYS C 334 0.38 37.04 -24.58
CA CYS C 334 1.15 37.86 -25.54
C CYS C 334 0.51 39.24 -25.81
#